data_9CJL
#
_entry.id   9CJL
#
loop_
_entity.id
_entity.type
_entity.pdbx_description
1 polymer 'Transmembrane emp24 domain-containing protein 9'
2 non-polymer '[(2R)-2-[(E)-octadec-9-enoyl]oxy-3-[oxidanyl-[(1R,2R,3S,4R,5R,6S)-2,3,6-tris(oxidanyl)-4,5-diphosphonooxy-cyclohexyl]oxy-phosphoryl]oxy-propyl] (E)-octadec-9-enoate'
#
_entity_poly.entity_id   1
_entity_poly.type   'polypeptide(L)'
_entity_poly.pdbx_seq_one_letter_code
;MAVELGVLLVRPRPGTGLGRVMRTLLLVLWLATRGSALYFHIGETEKKCFIEEIPDETMVIGNYRTQLYDKQREEYQPAT
PGLGMFVEVKDPEDKVILARQYGSEGRFTFTSHTPGEHQICLHSNSTKFSLFAGGMLRVHLDIQVGEHANDYAEIAAKDK
LSELQLRVRQLVEQVEQIQKEQNYQRWREERFRQTSESTNQRVLWWSILQTLILVAIGVWQMRHLKSFFEAKKLV
;
_entity_poly.pdbx_strand_id   A,B,C,D,E,F,G,H,I,J,K,L
#
loop_
_chem_comp.id
_chem_comp.type
_chem_comp.name
_chem_comp.formula
9ED non-polymer '[(2R)-2-[(E)-octadec-9-enoyl]oxy-3-[oxidanyl-[(1R,2R,3S,4R,5R,6S)-2,3,6-tris(oxidanyl)-4,5-diphosphonooxy-cyclohexyl]oxy-phosphoryl]oxy-propyl] (E)-octadec-9-enoate' 'C45 H85 O19 P3'
#
# COMPACT_ATOMS: atom_id res chain seq x y z
N GLU A 154 -26.60 51.43 -40.85
CA GLU A 154 -27.77 51.03 -40.06
C GLU A 154 -27.94 49.52 -40.04
N ILE A 155 -29.04 49.06 -40.65
CA ILE A 155 -29.46 47.65 -40.77
C ILE A 155 -28.38 46.59 -40.66
N ALA A 156 -27.63 46.39 -41.74
CA ALA A 156 -26.55 45.39 -41.77
C ALA A 156 -25.61 45.49 -40.57
N ALA A 157 -25.16 46.70 -40.26
CA ALA A 157 -24.25 46.92 -39.13
C ALA A 157 -24.90 46.38 -37.85
N LYS A 158 -26.15 46.76 -37.63
CA LYS A 158 -26.86 46.29 -36.46
C LYS A 158 -26.95 44.76 -36.47
N ASP A 159 -27.21 44.14 -37.63
CA ASP A 159 -27.24 42.69 -37.76
C ASP A 159 -25.90 42.12 -37.27
N LYS A 160 -24.77 42.71 -37.69
CA LYS A 160 -23.46 42.26 -37.24
C LYS A 160 -23.41 42.31 -35.71
N LEU A 161 -23.87 43.43 -35.13
CA LEU A 161 -23.91 43.56 -33.68
C LEU A 161 -24.70 42.40 -33.05
N SER A 162 -25.87 42.08 -33.64
CA SER A 162 -26.69 40.97 -33.17
C SER A 162 -25.86 39.68 -33.18
N GLU A 163 -25.13 39.44 -34.28
CA GLU A 163 -24.26 38.26 -34.38
C GLU A 163 -23.30 38.22 -33.19
N LEU A 164 -22.66 39.36 -32.89
CA LEU A 164 -21.75 39.44 -31.75
C LEU A 164 -22.48 39.01 -30.48
N GLN A 165 -23.70 39.54 -30.27
CA GLN A 165 -24.51 39.17 -29.12
C GLN A 165 -24.70 37.66 -29.07
N LEU A 166 -25.05 37.05 -30.21
CA LEU A 166 -25.25 35.61 -30.30
C LEU A 166 -24.00 34.90 -29.80
N ARG A 167 -22.83 35.33 -30.29
CA ARG A 167 -21.56 34.74 -29.85
C ARG A 167 -21.47 34.80 -28.33
N VAL A 168 -21.74 35.98 -27.76
CA VAL A 168 -21.72 36.15 -26.31
C VAL A 168 -22.63 35.13 -25.63
N ARG A 169 -23.85 34.96 -26.15
CA ARG A 169 -24.80 34.00 -25.61
C ARG A 169 -24.17 32.61 -25.59
N GLN A 170 -23.55 32.22 -26.72
CA GLN A 170 -22.87 30.93 -26.82
C GLN A 170 -21.85 30.81 -25.69
N LEU A 171 -21.03 31.85 -25.48
CA LEU A 171 -20.04 31.84 -24.42
C LEU A 171 -20.70 31.57 -23.06
N VAL A 172 -21.83 32.25 -22.81
CA VAL A 172 -22.54 32.04 -21.56
C VAL A 172 -22.99 30.58 -21.42
N GLU A 173 -23.46 30.00 -22.51
CA GLU A 173 -23.90 28.62 -22.50
C GLU A 173 -22.70 27.70 -22.26
N GLN A 174 -21.71 27.81 -23.15
CA GLN A 174 -20.48 27.02 -23.10
C GLN A 174 -19.86 27.09 -21.71
N VAL A 175 -19.69 28.31 -21.22
CA VAL A 175 -19.14 28.58 -19.90
C VAL A 175 -19.91 27.78 -18.85
N GLU A 176 -21.25 27.86 -18.89
CA GLU A 176 -22.09 27.12 -17.96
C GLU A 176 -21.75 25.64 -18.03
N GLN A 177 -21.66 25.08 -19.24
CA GLN A 177 -21.28 23.68 -19.41
C GLN A 177 -19.96 23.39 -18.70
N ILE A 178 -18.96 24.25 -18.89
CA ILE A 178 -17.67 24.08 -18.23
C ILE A 178 -17.87 24.00 -16.72
N GLN A 179 -18.67 24.92 -16.16
CA GLN A 179 -18.98 24.92 -14.75
C GLN A 179 -19.56 23.56 -14.33
N LYS A 180 -20.51 23.03 -15.12
CA LYS A 180 -21.09 21.72 -14.84
C LYS A 180 -19.98 20.67 -14.75
N GLU A 181 -19.07 20.68 -15.73
CA GLU A 181 -17.94 19.75 -15.73
C GLU A 181 -17.16 19.87 -14.41
N GLN A 182 -16.87 21.10 -13.99
CA GLN A 182 -16.16 21.35 -12.74
C GLN A 182 -16.91 20.67 -11.60
N ASN A 183 -18.23 20.87 -11.54
CA ASN A 183 -19.06 20.22 -10.52
C ASN A 183 -18.90 18.70 -10.55
N TYR A 184 -18.88 18.11 -11.74
CA TYR A 184 -18.68 16.68 -11.88
C TYR A 184 -17.35 16.28 -11.25
N GLN A 185 -16.30 17.05 -11.53
CA GLN A 185 -14.97 16.75 -10.99
C GLN A 185 -14.89 16.94 -9.46
N ARG A 186 -15.96 17.45 -8.85
CA ARG A 186 -15.98 17.69 -7.41
C ARG A 186 -16.76 16.60 -6.72
N TRP A 187 -17.96 16.30 -7.24
CA TRP A 187 -18.82 15.26 -6.69
C TRP A 187 -18.06 13.96 -6.60
N ARG A 188 -17.38 13.57 -7.69
CA ARG A 188 -16.59 12.33 -7.71
C ARG A 188 -15.61 12.34 -6.54
N GLU A 189 -14.86 13.44 -6.42
CA GLU A 189 -13.90 13.59 -5.32
C GLU A 189 -14.58 13.37 -3.97
N GLU A 190 -15.74 14.02 -3.78
CA GLU A 190 -16.51 13.92 -2.55
C GLU A 190 -16.81 12.47 -2.27
N ARG A 191 -17.30 11.75 -3.28
CA ARG A 191 -17.62 10.34 -3.17
C ARG A 191 -16.42 9.59 -2.65
N PHE A 192 -15.26 9.82 -3.27
CA PHE A 192 -14.01 9.18 -2.84
C PHE A 192 -13.80 9.42 -1.34
N ARG A 193 -13.91 10.67 -0.90
CA ARG A 193 -13.73 11.01 0.51
C ARG A 193 -14.69 10.23 1.39
N GLN A 194 -15.96 10.17 0.97
CA GLN A 194 -17.01 9.46 1.69
C GLN A 194 -16.56 8.03 1.88
N THR A 195 -16.13 7.40 0.77
CA THR A 195 -15.64 6.03 0.77
C THR A 195 -14.58 5.91 1.83
N SER A 196 -13.57 6.80 1.82
CA SER A 196 -12.51 6.76 2.83
C SER A 196 -13.07 6.74 4.25
N GLU A 197 -13.99 7.66 4.58
CA GLU A 197 -14.55 7.69 5.95
C GLU A 197 -15.23 6.36 6.29
N SER A 198 -15.99 5.85 5.32
CA SER A 198 -16.71 4.58 5.45
C SER A 198 -15.68 3.53 5.80
N THR A 199 -14.61 3.47 5.00
CA THR A 199 -13.52 2.54 5.17
C THR A 199 -13.02 2.63 6.59
N ASN A 200 -12.74 3.82 7.14
CA ASN A 200 -12.25 3.96 8.52
C ASN A 200 -13.15 3.21 9.49
N GLN A 201 -14.45 3.55 9.39
CA GLN A 201 -15.45 2.93 10.26
C GLN A 201 -15.37 1.40 10.13
N ARG A 202 -15.39 0.97 8.88
CA ARG A 202 -15.34 -0.43 8.54
C ARG A 202 -14.12 -1.08 9.15
N VAL A 203 -12.95 -0.45 9.07
CA VAL A 203 -11.71 -0.97 9.61
C VAL A 203 -11.93 -1.27 11.06
N LEU A 204 -12.44 -0.30 11.81
CA LEU A 204 -12.65 -0.57 13.25
C LEU A 204 -13.61 -1.76 13.49
N TRP A 205 -14.70 -1.71 12.72
CA TRP A 205 -15.77 -2.70 12.70
C TRP A 205 -15.36 -3.80 11.71
N TRP A 206 -14.71 -3.44 10.60
CA TRP A 206 -14.22 -4.44 9.63
C TRP A 206 -13.14 -5.19 10.40
N SER A 207 -12.28 -4.38 11.03
CA SER A 207 -11.25 -4.85 11.94
C SER A 207 -11.94 -5.68 13.04
N ILE A 208 -13.07 -5.20 13.60
CA ILE A 208 -13.80 -5.98 14.61
C ILE A 208 -14.11 -7.38 14.07
N LEU A 209 -14.59 -7.52 12.82
CA LEU A 209 -14.87 -8.83 12.22
C LEU A 209 -13.61 -9.69 12.19
N GLN A 210 -12.49 -9.03 11.81
CA GLN A 210 -11.19 -9.74 11.80
C GLN A 210 -10.93 -10.30 13.21
N THR A 211 -11.15 -9.46 14.25
CA THR A 211 -11.03 -9.85 15.66
C THR A 211 -12.22 -10.68 16.20
N LEU A 212 -13.17 -11.03 15.36
CA LEU A 212 -14.24 -11.91 15.72
C LEU A 212 -13.81 -13.29 15.17
N ILE A 213 -12.88 -13.35 14.20
CA ILE A 213 -12.47 -14.69 13.75
C ILE A 213 -11.60 -15.58 14.68
N LEU A 214 -11.24 -15.18 15.91
CA LEU A 214 -10.44 -16.11 16.70
C LEU A 214 -11.22 -16.50 17.94
N VAL A 215 -11.65 -15.47 18.68
CA VAL A 215 -12.47 -15.62 19.88
C VAL A 215 -13.64 -16.57 19.61
N ALA A 216 -14.40 -16.31 18.55
CA ALA A 216 -15.55 -17.14 18.18
C ALA A 216 -15.14 -18.58 18.07
N ILE A 217 -14.04 -18.84 17.34
CA ILE A 217 -13.52 -20.19 17.19
C ILE A 217 -13.30 -20.82 18.56
N GLY A 218 -12.62 -20.08 19.44
CA GLY A 218 -12.37 -20.52 20.80
C GLY A 218 -13.66 -20.93 21.47
N VAL A 219 -14.67 -20.07 21.39
CA VAL A 219 -15.98 -20.32 21.97
C VAL A 219 -16.53 -21.65 21.46
N TRP A 220 -16.46 -21.87 20.14
CA TRP A 220 -16.94 -23.11 19.53
C TRP A 220 -16.24 -24.28 20.21
N GLN A 221 -14.91 -24.21 20.32
CA GLN A 221 -14.13 -25.26 20.98
C GLN A 221 -14.67 -25.53 22.38
N MET A 222 -14.90 -24.44 23.14
CA MET A 222 -15.44 -24.56 24.50
C MET A 222 -16.75 -25.34 24.47
N ARG A 223 -17.65 -24.98 23.54
CA ARG A 223 -18.92 -25.66 23.39
C ARG A 223 -18.68 -27.15 23.19
N HIS A 224 -17.77 -27.50 22.28
CA HIS A 224 -17.43 -28.90 22.04
C HIS A 224 -17.05 -29.58 23.35
N LEU A 225 -16.16 -28.94 24.12
CA LEU A 225 -15.73 -29.48 25.41
C LEU A 225 -16.95 -29.75 26.29
N LYS A 226 -17.85 -28.77 26.36
CA LYS A 226 -19.07 -28.90 27.17
C LYS A 226 -19.82 -30.14 26.73
N SER A 227 -20.00 -30.31 25.40
CA SER A 227 -20.70 -31.47 24.86
C SER A 227 -20.03 -32.74 25.37
N PHE A 228 -18.70 -32.79 25.28
CA PHE A 228 -17.94 -33.95 25.77
C PHE A 228 -18.29 -34.22 27.23
N PHE A 229 -18.29 -33.17 28.06
CA PHE A 229 -18.63 -33.30 29.48
C PHE A 229 -20.01 -33.95 29.60
N GLU A 230 -20.98 -33.45 28.84
CA GLU A 230 -22.33 -34.00 28.84
C GLU A 230 -22.28 -35.49 28.52
N ALA A 231 -21.53 -35.88 27.49
CA ALA A 231 -21.38 -37.28 27.11
C ALA A 231 -20.89 -38.07 28.32
N LYS A 232 -19.86 -37.57 29.01
CA LYS A 232 -19.33 -38.23 30.20
C LYS A 232 -20.46 -38.42 31.22
N LYS A 233 -21.27 -37.38 31.45
CA LYS A 233 -22.41 -37.47 32.36
C LYS A 233 -23.39 -38.58 31.94
N LEU A 234 -23.62 -38.73 30.63
CA LEU A 234 -24.49 -39.78 30.11
C LEU A 234 -23.88 -41.17 30.28
N VAL A 235 -22.55 -41.25 30.30
CA VAL A 235 -21.87 -42.52 30.46
C VAL A 235 -21.33 -42.68 31.88
N GLU B 154 -35.69 42.99 -30.87
CA GLU B 154 -36.01 44.41 -30.78
C GLU B 154 -35.52 44.99 -29.45
N ILE B 155 -35.93 46.23 -29.18
CA ILE B 155 -35.55 46.94 -27.95
C ILE B 155 -35.78 46.07 -26.71
N ALA B 156 -36.99 45.53 -26.60
CA ALA B 156 -37.37 44.65 -25.49
C ALA B 156 -36.35 43.52 -25.37
N ALA B 157 -36.07 42.86 -26.49
CA ALA B 157 -35.09 41.77 -26.51
C ALA B 157 -33.77 42.27 -25.95
N LYS B 158 -33.30 43.43 -26.39
CA LYS B 158 -32.05 44.00 -25.86
C LYS B 158 -32.12 44.12 -24.34
N ASP B 159 -33.23 44.63 -23.81
CA ASP B 159 -33.39 44.73 -22.36
C ASP B 159 -33.21 43.36 -21.71
N LYS B 160 -33.88 42.35 -22.29
CA LYS B 160 -33.76 40.98 -21.80
C LYS B 160 -32.30 40.57 -21.79
N LEU B 161 -31.56 40.85 -22.87
CA LEU B 161 -30.16 40.54 -22.96
C LEU B 161 -29.42 41.18 -21.79
N SER B 162 -29.69 42.45 -21.48
CA SER B 162 -29.07 43.11 -20.33
C SER B 162 -29.31 42.29 -19.05
N GLU B 163 -30.56 41.88 -18.85
CA GLU B 163 -30.90 41.04 -17.69
C GLU B 163 -30.02 39.79 -17.69
N LEU B 164 -29.91 39.13 -18.85
CA LEU B 164 -29.09 37.96 -19.01
C LEU B 164 -27.66 38.28 -18.60
N GLN B 165 -27.09 39.42 -19.01
CA GLN B 165 -25.74 39.81 -18.64
C GLN B 165 -25.62 39.81 -17.12
N LEU B 166 -26.60 40.43 -16.44
CA LEU B 166 -26.58 40.42 -14.98
C LEU B 166 -26.51 38.98 -14.44
N ARG B 167 -27.35 38.11 -15.01
CA ARG B 167 -27.32 36.70 -14.65
C ARG B 167 -25.90 36.16 -14.83
N VAL B 168 -25.23 36.43 -15.96
CA VAL B 168 -23.86 35.94 -16.12
C VAL B 168 -22.94 36.49 -15.03
N ARG B 169 -23.11 37.74 -14.56
CA ARG B 169 -22.30 38.27 -13.46
C ARG B 169 -22.47 37.33 -12.27
N GLN B 170 -23.75 37.04 -11.95
CA GLN B 170 -24.04 36.08 -10.88
C GLN B 170 -23.32 34.74 -11.12
N LEU B 171 -23.36 34.22 -12.35
CA LEU B 171 -22.69 32.98 -12.71
C LEU B 171 -21.22 33.08 -12.34
N VAL B 172 -20.55 34.18 -12.70
CA VAL B 172 -19.14 34.39 -12.38
C VAL B 172 -18.93 34.27 -10.88
N GLU B 173 -19.80 34.93 -10.10
CA GLU B 173 -19.72 34.83 -8.65
C GLU B 173 -19.77 33.35 -8.23
N GLN B 174 -20.74 32.60 -8.78
CA GLN B 174 -20.84 31.17 -8.51
C GLN B 174 -19.52 30.46 -8.83
N VAL B 175 -18.79 30.76 -9.89
CA VAL B 175 -17.53 30.02 -10.14
C VAL B 175 -16.47 30.04 -9.00
N GLU B 176 -16.13 31.25 -8.59
CA GLU B 176 -15.14 31.53 -7.55
C GLU B 176 -15.30 30.63 -6.33
N GLN B 177 -16.54 30.58 -5.81
CA GLN B 177 -16.88 29.76 -4.65
C GLN B 177 -16.43 28.32 -4.88
N ILE B 178 -16.76 27.75 -6.05
CA ILE B 178 -16.36 26.39 -6.40
C ILE B 178 -14.85 26.28 -6.30
N GLN B 179 -14.11 27.23 -6.87
CA GLN B 179 -12.64 27.20 -6.75
C GLN B 179 -12.18 27.09 -5.28
N LYS B 180 -12.78 27.92 -4.42
CA LYS B 180 -12.47 27.88 -2.98
C LYS B 180 -12.70 26.47 -2.42
N GLU B 181 -13.85 25.89 -2.79
CA GLU B 181 -14.20 24.54 -2.39
C GLU B 181 -13.05 23.62 -2.78
N GLN B 182 -12.58 23.68 -4.03
CA GLN B 182 -11.44 22.87 -4.47
C GLN B 182 -10.23 23.01 -3.52
N ASN B 183 -9.84 24.16 -2.99
CA ASN B 183 -8.60 24.19 -2.11
C ASN B 183 -8.47 23.47 -0.70
N TYR B 184 -8.81 24.21 0.35
CA TYR B 184 -8.71 23.76 1.74
C TYR B 184 -9.34 22.38 2.02
N GLN B 185 -10.52 22.16 1.43
CA GLN B 185 -11.24 20.89 1.53
C GLN B 185 -10.29 19.79 1.11
N ARG B 186 -9.69 19.94 -0.07
CA ARG B 186 -8.72 18.96 -0.59
C ARG B 186 -7.60 18.74 0.43
N TRP B 187 -7.05 19.82 1.02
CA TRP B 187 -6.00 19.58 2.04
C TRP B 187 -6.50 18.67 3.21
N ARG B 188 -7.72 18.92 3.66
CA ARG B 188 -8.30 18.08 4.71
C ARG B 188 -8.55 16.63 4.21
N GLU B 189 -8.82 16.46 2.91
CA GLU B 189 -8.97 15.13 2.33
C GLU B 189 -7.61 14.44 2.55
N GLU B 190 -6.48 15.14 2.26
CA GLU B 190 -5.17 14.56 2.58
C GLU B 190 -5.12 14.12 4.06
N ARG B 191 -5.58 14.97 5.01
CA ARG B 191 -5.60 14.46 6.42
C ARG B 191 -6.40 13.13 6.62
N PHE B 192 -7.53 13.00 5.91
CA PHE B 192 -8.31 11.76 5.96
C PHE B 192 -7.42 10.61 5.49
N ARG B 193 -6.71 10.84 4.37
CA ARG B 193 -5.76 9.86 3.86
C ARG B 193 -4.75 9.47 4.95
N GLN B 194 -4.21 10.45 5.72
CA GLN B 194 -3.28 10.13 6.83
C GLN B 194 -3.90 9.09 7.74
N THR B 195 -5.15 9.35 8.17
CA THR B 195 -5.85 8.37 9.00
C THR B 195 -5.84 6.96 8.37
N SER B 196 -6.23 6.92 7.09
CA SER B 196 -6.23 5.64 6.36
C SER B 196 -4.88 4.93 6.41
N GLU B 197 -3.81 5.70 6.17
CA GLU B 197 -2.44 5.20 6.19
C GLU B 197 -2.17 4.52 7.52
N SER B 198 -2.51 5.23 8.61
CA SER B 198 -2.33 4.69 9.95
C SER B 198 -2.98 3.31 10.04
N THR B 199 -4.25 3.24 9.65
CA THR B 199 -4.96 1.95 9.66
C THR B 199 -4.18 0.85 8.93
N ASN B 200 -3.71 1.17 7.72
CA ASN B 200 -2.95 0.20 6.91
C ASN B 200 -1.76 -0.35 7.69
N GLN B 201 -1.01 0.58 8.32
CA GLN B 201 0.15 0.23 9.13
C GLN B 201 -0.30 -0.78 10.17
N ARG B 202 -1.36 -0.42 10.90
CA ARG B 202 -1.93 -1.30 11.92
C ARG B 202 -2.24 -2.72 11.41
N VAL B 203 -2.75 -2.86 10.19
CA VAL B 203 -3.03 -4.22 9.72
C VAL B 203 -1.96 -4.87 8.82
N LEU B 204 -0.75 -4.33 8.73
CA LEU B 204 0.23 -5.03 7.87
C LEU B 204 1.03 -6.20 8.53
N TRP B 205 0.37 -6.99 9.40
CA TRP B 205 0.95 -8.07 10.21
C TRP B 205 -0.11 -8.89 10.98
N TRP B 206 -1.05 -8.17 11.59
CA TRP B 206 -2.16 -8.79 12.32
C TRP B 206 -2.87 -9.79 11.42
N SER B 207 -3.20 -9.35 10.20
CA SER B 207 -3.85 -10.21 9.21
C SER B 207 -3.00 -11.46 9.05
N ILE B 208 -1.68 -11.33 8.85
CA ILE B 208 -0.86 -12.57 8.74
C ILE B 208 -0.99 -13.54 9.91
N LEU B 209 -1.01 -12.97 11.11
CA LEU B 209 -1.18 -13.79 12.32
C LEU B 209 -2.48 -14.57 12.14
N GLN B 210 -3.56 -13.86 11.82
CA GLN B 210 -4.81 -14.59 11.59
C GLN B 210 -4.75 -15.60 10.41
N THR B 211 -3.91 -15.39 9.37
CA THR B 211 -3.80 -16.38 8.30
C THR B 211 -3.28 -17.66 8.93
N LEU B 212 -2.23 -17.53 9.74
CA LEU B 212 -1.66 -18.66 10.48
C LEU B 212 -2.79 -19.29 11.27
N ILE B 213 -3.65 -18.40 11.79
CA ILE B 213 -4.83 -18.80 12.53
C ILE B 213 -5.65 -19.69 11.62
N LEU B 214 -5.91 -19.27 10.38
CA LEU B 214 -6.66 -20.10 9.45
C LEU B 214 -6.00 -21.48 9.24
N VAL B 215 -4.66 -21.56 9.18
CA VAL B 215 -3.98 -22.85 9.04
C VAL B 215 -4.40 -23.73 10.21
N ALA B 216 -4.32 -23.16 11.42
CA ALA B 216 -4.77 -23.87 12.62
C ALA B 216 -6.23 -24.31 12.45
N ILE B 217 -7.11 -23.45 11.93
CA ILE B 217 -8.50 -23.80 11.69
C ILE B 217 -8.57 -25.04 10.81
N GLY B 218 -7.78 -25.09 9.74
CA GLY B 218 -7.71 -26.24 8.86
C GLY B 218 -7.42 -27.46 9.71
N VAL B 219 -6.39 -27.40 10.55
CA VAL B 219 -6.12 -28.56 11.42
C VAL B 219 -7.32 -28.93 12.33
N TRP B 220 -8.05 -27.92 12.84
CA TRP B 220 -9.23 -28.15 13.67
C TRP B 220 -10.22 -28.94 12.84
N GLN B 221 -10.44 -28.51 11.59
CA GLN B 221 -11.33 -29.20 10.67
C GLN B 221 -10.92 -30.66 10.58
N MET B 222 -9.62 -30.94 10.37
CA MET B 222 -9.13 -32.31 10.30
C MET B 222 -9.57 -33.09 11.53
N ARG B 223 -9.34 -32.51 12.72
CA ARG B 223 -9.72 -33.17 13.97
C ARG B 223 -11.21 -33.50 13.97
N HIS B 224 -12.02 -32.52 13.58
CA HIS B 224 -13.47 -32.72 13.58
C HIS B 224 -13.83 -33.85 12.64
N LEU B 225 -13.19 -33.89 11.46
CA LEU B 225 -13.41 -34.93 10.50
C LEU B 225 -13.13 -36.27 11.12
N LYS B 226 -12.00 -36.39 11.85
CA LYS B 226 -11.63 -37.62 12.54
C LYS B 226 -12.79 -38.03 13.41
N SER B 227 -13.29 -37.10 14.25
CA SER B 227 -14.43 -37.40 15.11
C SER B 227 -15.60 -37.96 14.31
N PHE B 228 -15.94 -37.28 13.22
CA PHE B 228 -17.02 -37.68 12.35
C PHE B 228 -16.86 -39.11 11.85
N PHE B 229 -15.64 -39.47 11.45
CA PHE B 229 -15.42 -40.80 10.91
C PHE B 229 -15.24 -41.86 11.97
N GLU B 230 -15.03 -41.42 13.20
CA GLU B 230 -14.86 -42.37 14.27
C GLU B 230 -16.25 -42.59 14.82
N ALA B 231 -17.23 -42.03 14.13
CA ALA B 231 -18.60 -42.14 14.59
C ALA B 231 -19.35 -43.10 13.67
N LYS B 232 -19.21 -42.89 12.35
CA LYS B 232 -19.89 -43.79 11.41
C LYS B 232 -19.49 -45.25 11.63
N LYS B 233 -18.19 -45.50 11.85
CA LYS B 233 -17.68 -46.84 12.12
C LYS B 233 -18.34 -47.41 13.37
N LEU B 234 -18.51 -46.58 14.40
CA LEU B 234 -19.16 -46.98 15.64
C LEU B 234 -20.66 -47.24 15.48
N VAL B 235 -21.29 -46.67 14.45
CA VAL B 235 -22.71 -46.86 14.18
C VAL B 235 -23.59 -46.68 15.42
N GLU C 154 -25.98 53.24 -26.86
CA GLU C 154 -25.84 52.23 -27.89
C GLU C 154 -24.42 51.70 -27.93
N ILE C 155 -23.64 52.24 -28.87
CA ILE C 155 -22.24 51.89 -29.09
C ILE C 155 -21.45 51.71 -27.81
N ALA C 156 -21.35 52.77 -27.02
CA ALA C 156 -20.64 52.75 -25.74
C ALA C 156 -21.11 51.60 -24.85
N ALA C 157 -22.43 51.44 -24.73
CA ALA C 157 -23.00 50.36 -23.92
C ALA C 157 -22.44 49.04 -24.40
N LYS C 158 -22.49 48.81 -25.72
CA LYS C 158 -21.95 47.60 -26.31
C LYS C 158 -20.48 47.42 -25.91
N ASP C 159 -19.67 48.49 -25.98
CA ASP C 159 -18.27 48.41 -25.56
C ASP C 159 -18.19 47.88 -24.13
N LYS C 160 -18.99 48.46 -23.23
CA LYS C 160 -19.02 48.02 -21.84
C LYS C 160 -19.32 46.51 -21.77
N LEU C 161 -20.33 46.07 -22.53
CA LEU C 161 -20.69 44.66 -22.58
C LEU C 161 -19.46 43.83 -22.96
N SER C 162 -18.75 44.26 -24.01
CA SER C 162 -17.54 43.58 -24.46
C SER C 162 -16.56 43.47 -23.29
N GLU C 163 -16.34 44.56 -22.55
CA GLU C 163 -15.45 44.52 -21.38
C GLU C 163 -15.88 43.43 -20.41
N LEU C 164 -17.19 43.38 -20.12
CA LEU C 164 -17.73 42.34 -19.23
C LEU C 164 -17.36 40.96 -19.78
N GLN C 165 -17.56 40.76 -21.08
CA GLN C 165 -17.21 39.50 -21.74
C GLN C 165 -15.73 39.19 -21.48
N LEU C 166 -14.84 40.18 -21.64
CA LEU C 166 -13.41 39.98 -21.38
C LEU C 166 -13.23 39.46 -19.95
N ARG C 167 -13.89 40.07 -18.97
CA ARG C 167 -13.80 39.58 -17.58
C ARG C 167 -14.20 38.09 -17.50
N VAL C 168 -15.32 37.75 -18.18
CA VAL C 168 -15.77 36.37 -18.23
C VAL C 168 -14.67 35.48 -18.79
N ARG C 169 -14.03 35.93 -19.88
CA ARG C 169 -12.92 35.19 -20.49
C ARG C 169 -11.83 34.97 -19.44
N GLN C 170 -11.49 35.99 -18.65
CA GLN C 170 -10.51 35.83 -17.57
C GLN C 170 -10.94 34.67 -16.64
N LEU C 171 -12.22 34.64 -16.25
CA LEU C 171 -12.72 33.53 -15.42
C LEU C 171 -12.47 32.19 -16.13
N VAL C 172 -12.79 32.14 -17.43
CA VAL C 172 -12.56 30.96 -18.24
C VAL C 172 -11.09 30.56 -18.16
N GLU C 173 -10.16 31.53 -18.27
CA GLU C 173 -8.73 31.27 -18.16
C GLU C 173 -8.45 30.57 -16.83
N GLN C 174 -9.02 31.08 -15.73
CA GLN C 174 -8.83 30.41 -14.43
C GLN C 174 -9.25 28.94 -14.53
N VAL C 175 -10.44 28.70 -15.10
CA VAL C 175 -10.91 27.32 -15.31
C VAL C 175 -9.86 26.51 -16.10
N GLU C 176 -9.33 27.10 -17.18
CA GLU C 176 -8.32 26.46 -18.00
C GLU C 176 -7.14 26.08 -17.13
N GLN C 177 -6.68 26.97 -16.25
CA GLN C 177 -5.57 26.68 -15.33
C GLN C 177 -5.92 25.42 -14.53
N ILE C 178 -7.13 25.35 -13.97
CA ILE C 178 -7.55 24.15 -13.24
C ILE C 178 -7.38 22.89 -14.12
N GLN C 179 -7.87 22.99 -15.37
CA GLN C 179 -7.74 21.89 -16.33
C GLN C 179 -6.27 21.51 -16.48
N LYS C 180 -5.39 22.50 -16.63
CA LYS C 180 -3.96 22.29 -16.76
C LYS C 180 -3.47 21.49 -15.57
N GLU C 181 -3.87 21.85 -14.34
CA GLU C 181 -3.47 21.09 -13.14
C GLU C 181 -3.86 19.63 -13.32
N GLN C 182 -5.11 19.38 -13.74
CA GLN C 182 -5.54 18.00 -14.00
C GLN C 182 -4.59 17.32 -15.00
N ASN C 183 -4.27 18.02 -16.09
CA ASN C 183 -3.34 17.51 -17.08
C ASN C 183 -2.00 17.15 -16.45
N TYR C 184 -1.48 17.99 -15.54
CA TYR C 184 -0.23 17.72 -14.84
C TYR C 184 -0.36 16.42 -14.08
N GLN C 185 -1.49 16.21 -13.40
CA GLN C 185 -1.73 14.92 -12.71
C GLN C 185 -1.60 13.78 -13.74
N ARG C 186 -2.24 13.93 -14.90
CA ARG C 186 -2.14 12.93 -15.97
C ARG C 186 -0.70 12.72 -16.50
N TRP C 187 0.14 13.75 -16.45
CA TRP C 187 1.53 13.72 -16.88
C TRP C 187 2.28 12.89 -15.86
N ARG C 188 1.89 13.03 -14.59
CA ARG C 188 2.54 12.26 -13.56
C ARG C 188 2.18 10.79 -13.73
N GLU C 189 1.64 10.44 -14.90
CA GLU C 189 1.25 9.06 -15.17
C GLU C 189 1.64 8.65 -16.58
N GLU C 190 0.67 8.15 -17.35
CA GLU C 190 0.88 7.70 -18.72
C GLU C 190 2.09 6.78 -18.85
N ARG C 191 2.94 7.05 -19.84
CA ARG C 191 4.16 6.27 -20.13
C ARG C 191 3.93 4.79 -20.40
N PHE C 192 4.95 3.99 -20.13
CA PHE C 192 4.87 2.55 -20.36
C PHE C 192 4.42 1.78 -19.12
N ARG C 193 4.59 0.46 -19.15
CA ARG C 193 4.21 -0.40 -18.05
C ARG C 193 5.37 -1.28 -17.59
N GLN C 194 5.12 -2.59 -17.54
CA GLN C 194 6.13 -3.54 -17.12
C GLN C 194 7.14 -3.82 -18.24
N THR C 195 8.42 -3.81 -17.88
CA THR C 195 9.48 -4.05 -18.85
C THR C 195 9.52 -5.52 -19.27
N SER C 196 9.84 -5.76 -20.54
CA SER C 196 9.91 -7.11 -21.08
C SER C 196 11.34 -7.47 -21.44
N GLU C 197 11.75 -8.69 -21.09
CA GLU C 197 13.10 -9.16 -21.37
C GLU C 197 13.29 -9.51 -22.84
N SER C 198 14.36 -8.99 -23.44
CA SER C 198 14.67 -9.25 -24.83
C SER C 198 16.13 -8.94 -25.14
N THR C 199 16.86 -8.53 -24.10
CA THR C 199 18.29 -8.20 -24.24
C THR C 199 19.14 -9.25 -23.55
N ASN C 200 20.46 -9.10 -23.67
CA ASN C 200 21.48 -10.01 -23.10
C ASN C 200 21.39 -11.45 -23.58
N GLN C 201 20.20 -11.82 -24.06
CA GLN C 201 19.79 -13.11 -24.60
C GLN C 201 20.69 -14.30 -24.22
N ARG C 202 22.00 -14.09 -24.28
CA ARG C 202 22.95 -15.16 -23.99
C ARG C 202 22.77 -15.85 -22.63
N VAL C 203 22.68 -15.08 -21.56
CA VAL C 203 22.55 -15.69 -20.22
C VAL C 203 21.08 -15.93 -19.86
N LEU C 204 20.29 -14.85 -19.97
CA LEU C 204 18.86 -14.91 -19.67
C LEU C 204 18.22 -16.00 -20.51
N TRP C 205 18.52 -15.94 -21.83
CA TRP C 205 17.99 -16.93 -22.76
C TRP C 205 18.30 -18.36 -22.27
N TRP C 206 19.55 -18.61 -21.90
CA TRP C 206 20.00 -19.90 -21.40
C TRP C 206 19.13 -20.32 -20.25
N SER C 207 18.92 -19.43 -19.28
CA SER C 207 18.09 -19.75 -18.11
C SER C 207 16.72 -20.25 -18.55
N ILE C 208 15.98 -19.44 -19.31
CA ILE C 208 14.62 -19.78 -19.76
C ILE C 208 14.63 -21.12 -20.43
N LEU C 209 15.56 -21.23 -21.38
CA LEU C 209 15.82 -22.41 -22.18
C LEU C 209 15.90 -23.59 -21.24
N GLN C 210 16.81 -23.52 -20.27
CA GLN C 210 16.99 -24.57 -19.27
C GLN C 210 15.68 -25.03 -18.64
N THR C 211 14.85 -24.07 -18.21
CA THR C 211 13.57 -24.37 -17.56
C THR C 211 12.75 -25.25 -18.50
N LEU C 212 12.64 -24.74 -19.73
CA LEU C 212 11.91 -25.45 -20.77
C LEU C 212 12.44 -26.86 -20.93
N ILE C 213 13.77 -26.99 -21.01
CA ILE C 213 14.44 -28.28 -21.15
C ILE C 213 13.98 -29.20 -20.05
N LEU C 214 14.00 -28.73 -18.80
CA LEU C 214 13.59 -29.55 -17.66
C LEU C 214 12.21 -30.11 -17.90
N VAL C 215 11.29 -29.20 -18.27
CA VAL C 215 9.91 -29.63 -18.55
C VAL C 215 9.89 -30.75 -19.59
N ALA C 216 10.61 -30.51 -20.68
CA ALA C 216 10.72 -31.46 -21.78
C ALA C 216 11.20 -32.80 -21.26
N ILE C 217 12.25 -32.79 -20.44
CA ILE C 217 12.82 -33.99 -19.87
C ILE C 217 11.75 -34.77 -19.15
N GLY C 218 10.98 -34.07 -18.29
CA GLY C 218 9.88 -34.67 -17.58
C GLY C 218 8.97 -35.42 -18.55
N VAL C 219 8.55 -34.69 -19.60
CA VAL C 219 7.70 -35.28 -20.63
C VAL C 219 8.31 -36.55 -21.21
N TRP C 220 9.60 -36.48 -21.55
CA TRP C 220 10.33 -37.61 -22.12
C TRP C 220 10.20 -38.80 -21.21
N GLN C 221 10.47 -38.58 -19.91
CA GLN C 221 10.38 -39.63 -18.91
C GLN C 221 9.01 -40.27 -18.98
N MET C 222 7.96 -39.43 -18.95
CA MET C 222 6.60 -39.91 -19.02
C MET C 222 6.41 -40.82 -20.24
N ARG C 223 6.87 -40.36 -21.41
CA ARG C 223 6.75 -41.11 -22.65
C ARG C 223 7.37 -42.48 -22.47
N HIS C 224 8.59 -42.50 -21.95
CA HIS C 224 9.32 -43.73 -21.72
C HIS C 224 8.49 -44.67 -20.87
N LEU C 225 7.96 -44.16 -19.76
CA LEU C 225 7.14 -44.93 -18.85
C LEU C 225 5.98 -45.58 -19.60
N LYS C 226 5.29 -44.76 -20.39
CA LYS C 226 4.16 -45.24 -21.18
C LYS C 226 4.60 -46.41 -22.05
N SER C 227 5.72 -46.24 -22.76
CA SER C 227 6.27 -47.28 -23.61
C SER C 227 6.45 -48.56 -22.81
N PHE C 228 7.06 -48.46 -21.63
CA PHE C 228 7.28 -49.63 -20.76
C PHE C 228 5.96 -50.32 -20.50
N PHE C 229 4.95 -49.53 -20.11
CA PHE C 229 3.63 -50.04 -19.83
C PHE C 229 3.14 -50.84 -21.04
N GLU C 230 3.22 -50.26 -22.23
CA GLU C 230 2.79 -50.92 -23.46
C GLU C 230 3.47 -52.26 -23.61
N ALA C 231 4.80 -52.27 -23.43
CA ALA C 231 5.60 -53.47 -23.56
C ALA C 231 5.03 -54.54 -22.66
N LYS C 232 4.81 -54.21 -21.38
CA LYS C 232 4.32 -55.25 -20.48
C LYS C 232 2.84 -55.60 -20.67
N LYS C 233 2.10 -54.70 -21.34
CA LYS C 233 0.70 -54.90 -21.70
C LYS C 233 0.66 -55.95 -22.81
N LEU C 234 1.70 -55.98 -23.65
CA LEU C 234 1.82 -57.01 -24.67
C LEU C 234 2.39 -58.27 -23.98
N VAL C 235 3.09 -58.08 -22.86
CA VAL C 235 3.67 -59.20 -22.12
C VAL C 235 2.58 -59.98 -21.37
N SER D 162 22.95 49.01 -5.52
CA SER D 162 23.63 48.52 -6.71
C SER D 162 22.94 47.26 -7.25
N GLU D 163 22.83 47.16 -8.57
CA GLU D 163 22.22 45.99 -9.19
C GLU D 163 23.05 44.74 -8.95
N LEU D 164 24.38 44.89 -8.92
CA LEU D 164 25.25 43.74 -8.71
C LEU D 164 25.02 43.11 -7.34
N GLN D 165 24.89 43.93 -6.31
CA GLN D 165 24.68 43.40 -4.96
C GLN D 165 23.36 42.66 -4.84
N LEU D 166 22.31 43.20 -5.46
CA LEU D 166 21.00 42.55 -5.36
C LEU D 166 20.94 41.28 -6.21
N ARG D 167 21.65 41.26 -7.35
CA ARG D 167 21.88 39.99 -8.04
C ARG D 167 22.62 38.99 -7.16
N VAL D 168 23.62 39.45 -6.40
CA VAL D 168 24.35 38.56 -5.51
C VAL D 168 23.42 37.99 -4.45
N ARG D 169 22.56 38.84 -3.88
CA ARG D 169 21.63 38.39 -2.86
C ARG D 169 20.62 37.40 -3.43
N GLN D 170 20.13 37.67 -4.65
CA GLN D 170 19.23 36.73 -5.29
C GLN D 170 19.91 35.39 -5.53
N LEU D 171 21.17 35.42 -5.96
CA LEU D 171 21.92 34.18 -6.16
C LEU D 171 22.08 33.42 -4.85
N VAL D 172 22.39 34.13 -3.77
CA VAL D 172 22.56 33.47 -2.47
C VAL D 172 21.24 32.84 -2.03
N GLU D 173 20.13 33.57 -2.21
CA GLU D 173 18.82 33.02 -1.86
C GLU D 173 18.52 31.79 -2.70
N GLN D 174 18.83 31.83 -4.00
CA GLN D 174 18.59 30.68 -4.86
C GLN D 174 19.42 29.48 -4.43
N VAL D 175 20.66 29.70 -4.05
CA VAL D 175 21.51 28.57 -3.65
C VAL D 175 21.02 28.00 -2.32
N GLU D 176 20.59 28.85 -1.40
CA GLU D 176 20.01 28.33 -0.16
C GLU D 176 18.76 27.51 -0.45
N GLN D 177 17.92 28.01 -1.37
CA GLN D 177 16.68 27.31 -1.70
C GLN D 177 16.97 25.95 -2.32
N ILE D 178 17.93 25.90 -3.26
CA ILE D 178 18.26 24.61 -3.88
C ILE D 178 18.93 23.69 -2.90
N GLN D 179 19.65 24.22 -1.91
CA GLN D 179 20.25 23.37 -0.89
C GLN D 179 19.18 22.72 -0.03
N LYS D 180 18.17 23.51 0.37
CA LYS D 180 17.03 22.94 1.09
C LYS D 180 16.32 21.91 0.23
N GLU D 181 16.17 22.20 -1.06
CA GLU D 181 15.53 21.26 -1.99
C GLU D 181 16.30 19.94 -2.05
N GLN D 182 17.63 20.01 -2.15
CA GLN D 182 18.42 18.79 -2.21
C GLN D 182 18.34 18.02 -0.90
N ASN D 183 18.33 18.72 0.23
CA ASN D 183 18.10 18.04 1.51
C ASN D 183 16.78 17.29 1.51
N TYR D 184 15.72 17.95 1.04
CA TYR D 184 14.41 17.33 1.03
C TYR D 184 14.40 16.11 0.13
N GLN D 185 14.99 16.21 -1.07
CA GLN D 185 15.01 15.06 -1.96
C GLN D 185 15.80 13.90 -1.37
N ARG D 186 16.96 14.19 -0.77
CA ARG D 186 17.77 13.10 -0.23
C ARG D 186 17.05 12.39 0.91
N TRP D 187 16.47 13.15 1.83
CA TRP D 187 15.77 12.52 2.95
C TRP D 187 14.55 11.74 2.47
N ARG D 188 13.82 12.31 1.50
CA ARG D 188 12.63 11.63 0.97
C ARG D 188 13.03 10.34 0.26
N GLU D 189 14.13 10.37 -0.49
CA GLU D 189 14.60 9.16 -1.15
C GLU D 189 14.96 8.09 -0.13
N GLU D 190 15.68 8.47 0.94
CA GLU D 190 16.01 7.49 1.96
C GLU D 190 14.75 6.87 2.55
N ARG D 191 13.81 7.71 2.99
CA ARG D 191 12.62 7.22 3.65
C ARG D 191 11.81 6.31 2.74
N PHE D 192 11.56 6.76 1.51
CA PHE D 192 10.67 6.01 0.64
C PHE D 192 11.34 4.78 0.05
N ARG D 193 12.68 4.82 -0.09
CA ARG D 193 13.40 3.60 -0.47
C ARG D 193 13.27 2.56 0.62
N GLN D 194 13.42 2.96 1.89
CA GLN D 194 13.25 2.02 2.99
C GLN D 194 11.84 1.46 2.99
N THR D 195 10.83 2.33 2.81
CA THR D 195 9.45 1.87 2.79
C THR D 195 9.20 0.88 1.66
N SER D 196 9.71 1.20 0.46
CA SER D 196 9.47 0.35 -0.69
C SER D 196 10.12 -1.02 -0.51
N GLU D 197 11.38 -1.05 -0.07
CA GLU D 197 12.04 -2.34 0.11
C GLU D 197 11.40 -3.14 1.23
N SER D 198 10.97 -2.47 2.30
CA SER D 198 10.27 -3.17 3.37
C SER D 198 8.99 -3.81 2.86
N THR D 199 8.20 -3.06 2.09
CA THR D 199 6.94 -3.60 1.58
C THR D 199 7.18 -4.77 0.64
N ASN D 200 8.13 -4.61 -0.28
CA ASN D 200 8.41 -5.69 -1.24
C ASN D 200 8.91 -6.94 -0.51
N GLN D 201 9.81 -6.76 0.45
CA GLN D 201 10.33 -7.91 1.19
C GLN D 201 9.22 -8.61 1.97
N ARG D 202 8.34 -7.82 2.61
CA ARG D 202 7.25 -8.42 3.36
C ARG D 202 6.32 -9.21 2.47
N VAL D 203 6.00 -8.68 1.30
CA VAL D 203 5.06 -9.37 0.43
C VAL D 203 5.67 -10.66 -0.11
N LEU D 204 6.92 -10.62 -0.56
CA LEU D 204 7.54 -11.84 -1.07
C LEU D 204 7.74 -12.85 0.06
N TRP D 205 7.99 -12.37 1.28
CA TRP D 205 8.11 -13.25 2.42
C TRP D 205 6.78 -13.94 2.71
N TRP D 206 5.67 -13.22 2.55
CA TRP D 206 4.36 -13.84 2.69
C TRP D 206 4.13 -14.89 1.60
N SER D 207 4.59 -14.61 0.38
CA SER D 207 4.41 -15.58 -0.70
C SER D 207 5.16 -16.87 -0.41
N ILE D 208 6.43 -16.77 0.00
CA ILE D 208 7.19 -17.97 0.30
C ILE D 208 6.60 -18.69 1.52
N LEU D 209 6.11 -17.93 2.50
CA LEU D 209 5.45 -18.57 3.63
C LEU D 209 4.22 -19.35 3.18
N GLN D 210 3.41 -18.79 2.27
CA GLN D 210 2.23 -19.51 1.80
C GLN D 210 2.61 -20.79 1.07
N THR D 211 3.67 -20.74 0.27
CA THR D 211 4.15 -21.97 -0.37
C THR D 211 4.48 -23.02 0.68
N LEU D 212 5.23 -22.64 1.71
CA LEU D 212 5.54 -23.59 2.77
C LEU D 212 4.29 -24.04 3.53
N ILE D 213 3.31 -23.15 3.68
CA ILE D 213 2.08 -23.51 4.36
C ILE D 213 1.37 -24.62 3.61
N LEU D 214 1.29 -24.51 2.28
CA LEU D 214 0.62 -25.56 1.52
C LEU D 214 1.42 -26.86 1.51
N VAL D 215 2.75 -26.78 1.45
CA VAL D 215 3.51 -28.02 1.54
C VAL D 215 3.25 -28.71 2.88
N ALA D 216 3.29 -27.93 3.96
CA ALA D 216 3.05 -28.50 5.30
C ALA D 216 1.64 -29.06 5.41
N ILE D 217 0.65 -28.34 4.89
CA ILE D 217 -0.73 -28.81 4.97
C ILE D 217 -0.90 -30.10 4.18
N GLY D 218 -0.34 -30.17 2.98
CA GLY D 218 -0.46 -31.38 2.19
C GLY D 218 0.14 -32.57 2.90
N VAL D 219 1.35 -32.41 3.44
CA VAL D 219 1.98 -33.53 4.12
C VAL D 219 1.19 -33.91 5.38
N TRP D 220 0.67 -32.92 6.11
CA TRP D 220 0.03 -33.23 7.37
C TRP D 220 -1.32 -33.91 7.14
N GLN D 221 -2.04 -33.52 6.09
CA GLN D 221 -3.27 -34.22 5.77
C GLN D 221 -2.99 -35.61 5.19
N MET D 222 -1.86 -35.79 4.52
CA MET D 222 -1.46 -37.15 4.16
C MET D 222 -1.26 -38.00 5.41
N ARG D 223 -0.59 -37.43 6.42
CA ARG D 223 -0.45 -38.14 7.70
C ARG D 223 -1.81 -38.39 8.33
N HIS D 224 -2.74 -37.46 8.18
CA HIS D 224 -4.11 -37.62 8.66
C HIS D 224 -4.79 -38.83 8.02
N LEU D 225 -4.70 -38.93 6.70
CA LEU D 225 -5.27 -40.08 6.00
C LEU D 225 -4.59 -41.38 6.41
N LYS D 226 -3.27 -41.32 6.63
CA LYS D 226 -2.56 -42.51 7.12
C LYS D 226 -3.04 -42.90 8.51
N SER D 227 -3.38 -41.92 9.33
CA SER D 227 -3.93 -42.20 10.65
C SER D 227 -5.29 -42.90 10.53
N PHE D 228 -6.13 -42.46 9.61
CA PHE D 228 -7.35 -43.21 9.32
C PHE D 228 -7.06 -44.63 8.85
N PHE D 229 -6.05 -44.80 7.99
CA PHE D 229 -5.72 -46.15 7.54
C PHE D 229 -5.32 -47.04 8.71
N GLU D 230 -4.51 -46.49 9.62
CA GLU D 230 -4.11 -47.22 10.82
C GLU D 230 -5.34 -47.57 11.68
N ALA D 231 -6.26 -46.62 11.82
CA ALA D 231 -7.45 -46.86 12.65
C ALA D 231 -8.32 -47.95 12.05
N LYS D 232 -8.54 -47.91 10.74
CA LYS D 232 -9.37 -48.93 10.10
C LYS D 232 -8.69 -50.29 10.10
N LYS D 233 -7.36 -50.30 10.03
CA LYS D 233 -6.64 -51.58 10.10
C LYS D 233 -6.82 -52.24 11.45
N LEU D 234 -7.12 -51.46 12.49
CA LEU D 234 -7.32 -51.96 13.83
C LEU D 234 -8.79 -52.19 14.16
N VAL D 235 -9.70 -51.85 13.26
CA VAL D 235 -11.13 -52.07 13.48
C VAL D 235 -11.75 -52.76 12.27
N SER E 162 34.17 43.37 -10.75
CA SER E 162 34.41 41.98 -11.06
C SER E 162 33.64 41.08 -10.11
N GLU E 163 33.23 41.66 -8.97
CA GLU E 163 32.47 40.96 -7.93
C GLU E 163 31.28 40.25 -8.55
N LEU E 164 30.49 41.01 -9.32
CA LEU E 164 29.34 40.49 -10.04
C LEU E 164 29.74 39.25 -10.82
N GLN E 165 30.80 39.35 -11.63
CA GLN E 165 31.28 38.22 -12.41
C GLN E 165 31.54 37.01 -11.53
N LEU E 166 32.23 37.22 -10.41
CA LEU E 166 32.52 36.14 -9.48
C LEU E 166 31.23 35.46 -9.06
N ARG E 167 30.23 36.27 -8.67
CA ARG E 167 28.93 35.79 -8.26
C ARG E 167 28.38 34.91 -9.38
N VAL E 168 28.41 35.41 -10.62
CA VAL E 168 27.94 34.66 -11.77
C VAL E 168 28.62 33.30 -11.84
N ARG E 169 29.94 33.25 -11.69
CA ARG E 169 30.67 31.99 -11.72
C ARG E 169 30.12 31.02 -10.69
N GLN E 170 29.93 31.54 -9.47
CA GLN E 170 29.37 30.74 -8.38
C GLN E 170 28.01 30.18 -8.82
N LEU E 171 27.17 31.04 -9.39
CA LEU E 171 25.87 30.66 -9.89
C LEU E 171 26.04 29.51 -10.85
N VAL E 172 26.96 29.58 -11.82
CA VAL E 172 27.11 28.48 -12.77
C VAL E 172 27.48 27.18 -12.07
N GLU E 173 28.34 27.25 -11.04
CA GLU E 173 28.70 26.04 -10.29
C GLU E 173 27.42 25.43 -9.73
N GLN E 174 26.65 26.31 -9.07
CA GLN E 174 25.39 25.92 -8.52
C GLN E 174 24.50 25.30 -9.60
N VAL E 175 24.41 25.87 -10.81
CA VAL E 175 23.58 25.28 -11.85
C VAL E 175 24.05 23.87 -12.20
N GLU E 176 25.38 23.65 -12.23
CA GLU E 176 25.90 22.31 -12.52
C GLU E 176 25.35 21.36 -11.45
N GLN E 177 25.44 21.78 -10.18
CA GLN E 177 24.90 20.99 -9.09
C GLN E 177 23.42 20.67 -9.33
N ILE E 178 22.75 21.74 -9.76
CA ILE E 178 21.37 21.73 -10.11
C ILE E 178 21.22 20.69 -11.18
N GLN E 179 22.20 20.61 -12.08
CA GLN E 179 22.19 19.63 -13.17
C GLN E 179 22.06 18.26 -12.53
N LYS E 180 22.97 17.98 -11.61
CA LYS E 180 22.94 16.73 -10.87
C LYS E 180 21.61 16.62 -10.13
N GLU E 181 21.11 17.70 -9.52
CA GLU E 181 19.81 17.64 -8.87
C GLU E 181 18.68 17.18 -9.81
N GLN E 182 18.70 17.63 -11.07
CA GLN E 182 17.71 17.25 -12.08
C GLN E 182 17.85 15.76 -12.26
N ASN E 183 19.10 15.30 -12.40
CA ASN E 183 19.34 13.86 -12.49
C ASN E 183 18.74 13.14 -11.28
N TYR E 184 18.92 13.67 -10.07
CA TYR E 184 18.33 13.09 -8.87
C TYR E 184 16.81 13.02 -9.01
N GLN E 185 16.16 14.04 -9.56
CA GLN E 185 14.71 14.00 -9.76
C GLN E 185 14.38 12.81 -10.64
N ARG E 186 15.13 12.65 -11.74
CA ARG E 186 14.95 11.50 -12.62
C ARG E 186 15.10 10.21 -11.82
N TRP E 187 16.14 10.13 -10.99
CA TRP E 187 16.41 8.99 -10.13
C TRP E 187 15.18 8.67 -9.31
N ARG E 188 14.57 9.69 -8.67
CA ARG E 188 13.41 9.52 -7.82
C ARG E 188 12.35 8.84 -8.60
N GLU E 189 12.06 9.43 -9.76
CA GLU E 189 11.03 8.93 -10.65
C GLU E 189 11.25 7.45 -10.91
N GLU E 190 12.46 7.13 -11.36
CA GLU E 190 12.86 5.79 -11.71
C GLU E 190 12.55 4.85 -10.58
N ARG E 191 13.07 5.21 -9.40
CA ARG E 191 12.93 4.41 -8.20
C ARG E 191 11.48 4.06 -7.96
N PHE E 192 10.68 5.13 -7.95
CA PHE E 192 9.26 5.02 -7.67
C PHE E 192 8.64 4.02 -8.60
N ARG E 193 8.89 4.24 -9.88
CA ARG E 193 8.27 3.39 -10.86
C ARG E 193 8.70 1.95 -10.75
N GLN E 194 9.97 1.72 -10.45
CA GLN E 194 10.51 0.38 -10.29
C GLN E 194 9.72 -0.31 -9.21
N THR E 195 9.58 0.38 -8.07
CA THR E 195 8.83 -0.12 -6.93
C THR E 195 7.43 -0.50 -7.38
N SER E 196 6.77 0.42 -8.10
CA SER E 196 5.42 0.19 -8.60
C SER E 196 5.37 -1.11 -9.39
N GLU E 197 6.31 -1.30 -10.31
CA GLU E 197 6.37 -2.49 -11.14
C GLU E 197 6.42 -3.72 -10.25
N SER E 198 7.33 -3.68 -9.28
CA SER E 198 7.49 -4.79 -8.34
C SER E 198 6.17 -5.12 -7.65
N THR E 199 5.45 -4.11 -7.18
CA THR E 199 4.21 -4.38 -6.50
C THR E 199 3.22 -5.00 -7.47
N ASN E 200 3.17 -4.43 -8.67
CA ASN E 200 2.24 -4.86 -9.70
C ASN E 200 2.39 -6.32 -10.00
N GLN E 201 3.53 -6.68 -10.57
CA GLN E 201 3.73 -8.10 -10.88
C GLN E 201 3.65 -8.94 -9.62
N ARG E 202 4.16 -8.42 -8.51
CA ARG E 202 4.16 -9.17 -7.26
C ARG E 202 2.76 -9.42 -6.74
N VAL E 203 1.95 -8.36 -6.66
CA VAL E 203 0.57 -8.53 -6.24
C VAL E 203 -0.18 -9.41 -7.24
N LEU E 204 0.15 -9.28 -8.52
CA LEU E 204 -0.55 -10.05 -9.55
C LEU E 204 -0.33 -11.55 -9.34
N TRP E 205 0.93 -11.99 -9.27
CA TRP E 205 1.11 -13.44 -9.13
C TRP E 205 0.93 -13.87 -7.69
N TRP E 206 0.85 -12.94 -6.74
CA TRP E 206 0.45 -13.30 -5.39
C TRP E 206 -1.02 -13.68 -5.35
N SER E 207 -1.87 -12.89 -6.02
CA SER E 207 -3.28 -13.23 -6.15
C SER E 207 -3.45 -14.51 -6.97
N ILE E 208 -2.64 -14.67 -8.02
CA ILE E 208 -2.69 -15.89 -8.82
C ILE E 208 -2.34 -17.10 -7.95
N LEU E 209 -1.27 -16.98 -7.16
CA LEU E 209 -0.87 -18.09 -6.31
C LEU E 209 -1.92 -18.35 -5.24
N GLN E 210 -2.60 -17.30 -4.77
CA GLN E 210 -3.69 -17.51 -3.81
C GLN E 210 -4.83 -18.31 -4.42
N THR E 211 -5.18 -17.98 -5.67
CA THR E 211 -6.20 -18.76 -6.37
C THR E 211 -5.76 -20.21 -6.51
N LEU E 212 -4.49 -20.43 -6.84
CA LEU E 212 -3.96 -21.79 -6.86
C LEU E 212 -3.99 -22.44 -5.49
N ILE E 213 -3.81 -21.65 -4.42
CA ILE E 213 -3.90 -22.19 -3.07
C ILE E 213 -5.28 -22.80 -2.87
N LEU E 214 -6.31 -22.00 -3.16
CA LEU E 214 -7.68 -22.47 -2.96
C LEU E 214 -7.98 -23.67 -3.84
N VAL E 215 -7.56 -23.62 -5.11
CA VAL E 215 -7.88 -24.70 -6.04
C VAL E 215 -7.20 -25.99 -5.60
N ALA E 216 -5.92 -25.91 -5.24
CA ALA E 216 -5.18 -27.09 -4.82
C ALA E 216 -5.78 -27.69 -3.57
N ILE E 217 -6.09 -26.85 -2.58
CA ILE E 217 -6.67 -27.37 -1.34
C ILE E 217 -8.00 -28.06 -1.63
N GLY E 218 -8.88 -27.40 -2.39
CA GLY E 218 -10.18 -27.99 -2.68
C GLY E 218 -10.08 -29.29 -3.46
N VAL E 219 -9.27 -29.30 -4.52
CA VAL E 219 -9.15 -30.49 -5.34
C VAL E 219 -8.60 -31.65 -4.53
N TRP E 220 -7.55 -31.41 -3.74
CA TRP E 220 -6.91 -32.53 -3.08
C TRP E 220 -7.74 -33.01 -1.90
N GLN E 221 -8.48 -32.11 -1.26
CA GLN E 221 -9.37 -32.54 -0.19
C GLN E 221 -10.52 -33.38 -0.75
N MET E 222 -11.02 -33.01 -1.92
CA MET E 222 -12.01 -33.87 -2.58
C MET E 222 -11.40 -35.21 -2.95
N ARG E 223 -10.12 -35.22 -3.35
CA ARG E 223 -9.47 -36.48 -3.70
C ARG E 223 -9.45 -37.41 -2.50
N HIS E 224 -8.99 -36.93 -1.34
CA HIS E 224 -8.90 -37.86 -0.22
C HIS E 224 -10.29 -38.12 0.36
N LEU E 225 -11.26 -37.23 0.08
CA LEU E 225 -12.65 -37.58 0.33
C LEU E 225 -13.01 -38.87 -0.39
N LYS E 226 -12.74 -38.93 -1.70
CA LYS E 226 -13.09 -40.11 -2.47
C LYS E 226 -12.30 -41.32 -2.00
N SER E 227 -11.00 -41.13 -1.73
CA SER E 227 -10.17 -42.25 -1.32
C SER E 227 -10.62 -42.82 0.02
N PHE E 228 -10.96 -41.96 0.97
CA PHE E 228 -11.39 -42.43 2.29
C PHE E 228 -12.81 -43.02 2.22
N PHE E 229 -13.63 -42.48 1.33
CA PHE E 229 -14.92 -43.09 1.02
C PHE E 229 -14.76 -44.54 0.59
N GLU E 230 -13.87 -44.77 -0.39
CA GLU E 230 -13.61 -46.13 -0.85
C GLU E 230 -13.01 -46.99 0.25
N ALA E 231 -12.10 -46.40 1.04
CA ALA E 231 -11.42 -47.17 2.09
C ALA E 231 -12.42 -47.67 3.13
N LYS E 232 -13.35 -46.81 3.55
CA LYS E 232 -14.36 -47.26 4.51
C LYS E 232 -15.40 -48.16 3.86
N LYS E 233 -15.67 -47.99 2.56
CA LYS E 233 -16.61 -48.88 1.89
C LYS E 233 -16.07 -50.30 1.78
N LEU E 234 -14.77 -50.45 1.51
CA LEU E 234 -14.19 -51.77 1.26
C LEU E 234 -13.77 -52.50 2.52
N VAL E 235 -13.90 -51.90 3.70
CA VAL E 235 -13.54 -52.58 4.94
C VAL E 235 -14.79 -53.13 5.62
N SER F 162 25.27 44.11 -22.07
CA SER F 162 26.51 43.41 -22.37
C SER F 162 26.46 41.97 -21.84
N GLU F 163 27.56 41.53 -21.22
CA GLU F 163 27.59 40.20 -20.65
C GLU F 163 26.79 40.12 -19.36
N LEU F 164 26.68 41.24 -18.64
CA LEU F 164 25.99 41.22 -17.36
C LEU F 164 24.49 40.96 -17.54
N GLN F 165 23.89 41.54 -18.57
CA GLN F 165 22.48 41.26 -18.82
C GLN F 165 22.28 39.82 -19.26
N LEU F 166 23.26 39.27 -19.97
CA LEU F 166 23.20 37.85 -20.31
C LEU F 166 23.25 36.99 -19.04
N ARG F 167 24.08 37.38 -18.09
CA ARG F 167 24.11 36.67 -16.80
C ARG F 167 22.77 36.81 -16.08
N VAL F 168 22.14 37.98 -16.17
CA VAL F 168 20.84 38.17 -15.55
C VAL F 168 19.82 37.24 -16.18
N ARG F 169 19.82 37.13 -17.51
CA ARG F 169 18.93 36.19 -18.19
C ARG F 169 19.21 34.76 -17.77
N GLN F 170 20.49 34.40 -17.64
CA GLN F 170 20.86 33.06 -17.18
C GLN F 170 20.29 32.80 -15.78
N LEU F 171 20.44 33.75 -14.88
CA LEU F 171 19.95 33.55 -13.53
C LEU F 171 18.43 33.45 -13.50
N VAL F 172 17.75 34.26 -14.33
CA VAL F 172 16.29 34.21 -14.38
C VAL F 172 15.82 32.86 -14.89
N GLU F 173 16.44 32.35 -15.95
CA GLU F 173 16.03 31.05 -16.47
C GLU F 173 16.36 29.94 -15.49
N GLN F 174 17.47 30.07 -14.74
CA GLN F 174 17.74 29.11 -13.67
C GLN F 174 16.66 29.15 -12.59
N VAL F 175 16.20 30.36 -12.22
CA VAL F 175 15.14 30.47 -11.24
C VAL F 175 13.86 29.83 -11.77
N GLU F 176 13.55 30.05 -13.04
CA GLU F 176 12.37 29.42 -13.64
C GLU F 176 12.49 27.91 -13.61
N GLN F 177 13.66 27.37 -13.96
CA GLN F 177 13.86 25.93 -13.95
C GLN F 177 13.76 25.37 -12.53
N ILE F 178 14.25 26.11 -11.55
CA ILE F 178 14.16 25.67 -10.16
C ILE F 178 12.71 25.69 -9.69
N GLN F 179 11.93 26.67 -10.14
CA GLN F 179 10.52 26.68 -9.78
C GLN F 179 9.79 25.49 -10.41
N LYS F 180 10.13 25.17 -11.66
CA LYS F 180 9.59 23.97 -12.29
C LYS F 180 10.00 22.72 -11.51
N GLU F 181 11.25 22.66 -11.04
CA GLU F 181 11.71 21.51 -10.28
C GLU F 181 11.00 21.42 -8.94
N GLN F 182 10.71 22.56 -8.31
CA GLN F 182 9.93 22.56 -7.08
C GLN F 182 8.53 22.04 -7.31
N ASN F 183 7.87 22.51 -8.37
CA ASN F 183 6.55 22.00 -8.70
C ASN F 183 6.59 20.50 -8.93
N TYR F 184 7.55 20.04 -9.72
CA TYR F 184 7.65 18.62 -10.02
C TYR F 184 8.00 17.80 -8.79
N GLN F 185 8.84 18.35 -7.90
CA GLN F 185 9.24 17.64 -6.69
C GLN F 185 8.06 17.48 -5.74
N ARG F 186 7.31 18.55 -5.52
CA ARG F 186 6.14 18.45 -4.64
C ARG F 186 5.08 17.53 -5.23
N TRP F 187 4.85 17.66 -6.55
CA TRP F 187 3.87 16.81 -7.20
C TRP F 187 4.28 15.35 -7.12
N ARG F 188 5.56 15.06 -7.37
CA ARG F 188 6.02 13.68 -7.34
C ARG F 188 6.04 13.15 -5.91
N GLU F 189 6.26 14.04 -4.94
CA GLU F 189 6.14 13.65 -3.54
C GLU F 189 4.74 13.20 -3.21
N GLU F 190 3.74 13.94 -3.69
CA GLU F 190 2.37 13.52 -3.39
C GLU F 190 2.01 12.26 -4.18
N ARG F 191 2.64 12.06 -5.35
CA ARG F 191 2.46 10.78 -6.04
C ARG F 191 3.01 9.62 -5.22
N PHE F 192 4.24 9.74 -4.70
CA PHE F 192 4.71 8.71 -3.77
C PHE F 192 3.76 8.51 -2.60
N ARG F 193 3.34 9.59 -1.94
CA ARG F 193 2.54 9.42 -0.73
C ARG F 193 1.21 8.75 -1.03
N GLN F 194 0.48 9.26 -2.03
CA GLN F 194 -0.80 8.73 -2.42
C GLN F 194 -0.67 7.31 -2.94
N THR F 195 0.35 7.03 -3.74
CA THR F 195 0.56 5.70 -4.30
C THR F 195 0.91 4.68 -3.21
N SER F 196 1.73 5.09 -2.25
CA SER F 196 2.07 4.21 -1.13
C SER F 196 0.84 3.90 -0.30
N GLU F 197 0.04 4.93 0.01
CA GLU F 197 -1.18 4.70 0.77
C GLU F 197 -2.14 3.82 -0.01
N SER F 198 -2.28 4.06 -1.31
CA SER F 198 -3.18 3.27 -2.14
C SER F 198 -2.71 1.82 -2.23
N THR F 199 -1.40 1.62 -2.39
CA THR F 199 -0.86 0.26 -2.47
C THR F 199 -1.09 -0.48 -1.17
N ASN F 200 -0.84 0.18 -0.04
CA ASN F 200 -1.06 -0.46 1.26
C ASN F 200 -2.54 -0.79 1.44
N GLN F 201 -3.42 0.15 1.08
CA GLN F 201 -4.85 -0.11 1.21
C GLN F 201 -5.31 -1.25 0.32
N ARG F 202 -4.81 -1.28 -0.93
CA ARG F 202 -5.19 -2.33 -1.85
C ARG F 202 -4.70 -3.69 -1.40
N VAL F 203 -3.45 -3.77 -0.93
CA VAL F 203 -2.93 -5.06 -0.49
C VAL F 203 -3.64 -5.52 0.78
N LEU F 204 -3.99 -4.57 1.65
CA LEU F 204 -4.78 -4.93 2.83
C LEU F 204 -6.14 -5.46 2.43
N TRP F 205 -6.80 -4.79 1.49
CA TRP F 205 -8.11 -5.23 1.01
C TRP F 205 -8.03 -6.63 0.41
N TRP F 206 -7.09 -6.83 -0.51
CA TRP F 206 -6.97 -8.13 -1.16
C TRP F 206 -6.60 -9.20 -0.15
N SER F 207 -5.72 -8.89 0.79
CA SER F 207 -5.29 -9.88 1.77
C SER F 207 -6.43 -10.29 2.68
N ILE F 208 -7.20 -9.32 3.18
CA ILE F 208 -8.31 -9.66 4.07
C ILE F 208 -9.38 -10.42 3.31
N LEU F 209 -9.63 -10.02 2.05
CA LEU F 209 -10.60 -10.74 1.23
C LEU F 209 -10.17 -12.18 1.04
N GLN F 210 -8.89 -12.40 0.73
CA GLN F 210 -8.43 -13.74 0.41
C GLN F 210 -8.34 -14.61 1.66
N THR F 211 -8.02 -14.04 2.81
CA THR F 211 -8.00 -14.84 4.03
C THR F 211 -9.41 -15.21 4.46
N LEU F 212 -10.37 -14.28 4.31
CA LEU F 212 -11.76 -14.62 4.56
C LEU F 212 -12.24 -15.70 3.60
N ILE F 213 -11.82 -15.62 2.33
CA ILE F 213 -12.15 -16.65 1.37
C ILE F 213 -11.58 -18.00 1.80
N LEU F 214 -10.31 -18.02 2.18
CA LEU F 214 -9.68 -19.28 2.57
C LEU F 214 -10.44 -19.92 3.73
N VAL F 215 -10.70 -19.14 4.79
CA VAL F 215 -11.40 -19.72 5.93
C VAL F 215 -12.83 -20.13 5.57
N ALA F 216 -13.55 -19.30 4.82
CA ALA F 216 -14.96 -19.58 4.55
C ALA F 216 -15.11 -20.83 3.69
N ILE F 217 -14.36 -20.93 2.60
CA ILE F 217 -14.45 -22.14 1.79
C ILE F 217 -13.85 -23.36 2.48
N GLY F 218 -12.82 -23.19 3.32
CA GLY F 218 -12.37 -24.31 4.12
C GLY F 218 -13.49 -24.87 4.97
N VAL F 219 -14.22 -24.00 5.66
CA VAL F 219 -15.40 -24.42 6.42
C VAL F 219 -16.47 -24.97 5.50
N TRP F 220 -16.56 -24.45 4.28
CA TRP F 220 -17.63 -24.89 3.37
C TRP F 220 -17.45 -26.34 2.97
N GLN F 221 -16.22 -26.75 2.62
CA GLN F 221 -16.04 -28.19 2.37
C GLN F 221 -15.89 -28.99 3.66
N MET F 222 -15.61 -28.36 4.79
CA MET F 222 -15.94 -29.02 6.05
C MET F 222 -17.39 -29.47 6.09
N ARG F 223 -18.31 -28.54 5.81
CA ARG F 223 -19.73 -28.85 5.82
C ARG F 223 -20.07 -29.87 4.74
N HIS F 224 -19.42 -29.78 3.58
CA HIS F 224 -19.70 -30.71 2.50
C HIS F 224 -19.17 -32.11 2.80
N LEU F 225 -18.01 -32.21 3.46
CA LEU F 225 -17.56 -33.50 3.95
C LEU F 225 -18.56 -34.10 4.93
N LYS F 226 -19.06 -33.27 5.85
CA LYS F 226 -20.07 -33.76 6.79
C LYS F 226 -21.30 -34.25 6.06
N SER F 227 -21.76 -33.49 5.06
CA SER F 227 -22.96 -33.86 4.31
C SER F 227 -22.75 -35.17 3.55
N PHE F 228 -21.58 -35.34 2.95
CA PHE F 228 -21.29 -36.58 2.23
C PHE F 228 -21.26 -37.77 3.18
N PHE F 229 -20.69 -37.57 4.37
CA PHE F 229 -20.68 -38.64 5.37
C PHE F 229 -22.10 -39.00 5.80
N GLU F 230 -22.95 -38.00 6.01
CA GLU F 230 -24.34 -38.27 6.34
C GLU F 230 -25.05 -39.02 5.22
N ALA F 231 -24.76 -38.64 3.97
CA ALA F 231 -25.34 -39.33 2.82
C ALA F 231 -24.89 -40.79 2.78
N LYS F 232 -23.63 -41.04 3.09
CA LYS F 232 -23.13 -42.41 3.15
C LYS F 232 -23.81 -43.18 4.28
N LYS F 233 -24.11 -42.51 5.38
CA LYS F 233 -24.79 -43.18 6.50
C LYS F 233 -26.15 -43.69 6.07
N LEU F 234 -26.87 -42.92 5.26
CA LEU F 234 -28.21 -43.28 4.80
C LEU F 234 -28.20 -44.09 3.52
N VAL F 235 -27.11 -44.78 3.21
CA VAL F 235 -27.05 -45.61 2.02
C VAL F 235 -27.85 -46.89 2.24
N SER G 162 52.70 34.62 -4.52
CA SER G 162 51.90 34.85 -3.32
C SER G 162 51.37 33.54 -2.75
N GLU G 163 51.84 33.21 -1.54
CA GLU G 163 51.42 31.98 -0.85
C GLU G 163 49.91 31.83 -0.83
N LEU G 164 49.21 32.89 -0.42
CA LEU G 164 47.76 32.92 -0.38
C LEU G 164 47.21 32.51 -1.73
N GLN G 165 47.69 33.15 -2.80
CA GLN G 165 47.26 32.84 -4.15
C GLN G 165 47.43 31.35 -4.44
N LEU G 166 48.61 30.80 -4.10
CA LEU G 166 48.88 29.39 -4.30
C LEU G 166 47.80 28.56 -3.61
N ARG G 167 47.51 28.87 -2.34
CA ARG G 167 46.50 28.13 -1.62
C ARG G 167 45.15 28.21 -2.32
N VAL G 168 44.79 29.40 -2.84
CA VAL G 168 43.53 29.58 -3.56
C VAL G 168 43.49 28.58 -4.70
N ARG G 169 44.57 28.54 -5.49
CA ARG G 169 44.67 27.62 -6.61
C ARG G 169 44.43 26.18 -6.14
N GLN G 170 45.10 25.80 -5.05
CA GLN G 170 44.98 24.46 -4.49
C GLN G 170 43.51 24.17 -4.23
N LEU G 171 42.84 25.10 -3.54
CA LEU G 171 41.44 24.97 -3.21
C LEU G 171 40.64 24.70 -4.47
N VAL G 172 40.87 25.50 -5.52
CA VAL G 172 40.16 25.35 -6.78
C VAL G 172 40.31 23.93 -7.27
N GLU G 173 41.55 23.44 -7.31
CA GLU G 173 41.81 22.08 -7.78
C GLU G 173 41.01 21.06 -6.96
N GLN G 174 41.02 21.23 -5.63
CA GLN G 174 40.31 20.33 -4.74
C GLN G 174 38.85 20.32 -5.09
N VAL G 175 38.27 21.50 -5.29
CA VAL G 175 36.87 21.67 -5.63
C VAL G 175 36.58 20.85 -6.87
N GLU G 176 37.42 21.03 -7.90
CA GLU G 176 37.25 20.32 -9.15
C GLU G 176 37.18 18.82 -8.90
N GLN G 177 38.16 18.32 -8.12
CA GLN G 177 38.24 16.91 -7.78
C GLN G 177 36.91 16.47 -7.20
N ILE G 178 36.43 17.20 -6.19
CA ILE G 178 35.17 16.78 -5.57
C ILE G 178 34.02 16.77 -6.55
N GLN G 179 33.95 17.74 -7.46
CA GLN G 179 32.86 17.89 -8.44
C GLN G 179 32.66 16.81 -9.53
N LYS G 180 33.68 16.63 -10.36
CA LYS G 180 33.62 15.64 -11.44
C LYS G 180 33.36 14.26 -10.83
N GLU G 181 34.08 13.93 -9.76
CA GLU G 181 33.87 12.69 -9.06
C GLU G 181 32.45 12.59 -8.54
N GLN G 182 31.78 13.69 -8.10
CA GLN G 182 30.42 13.63 -7.60
C GLN G 182 29.60 13.09 -8.75
N ASN G 183 29.76 13.69 -9.94
CA ASN G 183 29.07 13.16 -11.11
C ASN G 183 29.32 11.66 -11.30
N TYR G 184 30.60 11.26 -11.21
CA TYR G 184 30.97 9.86 -11.35
C TYR G 184 30.19 8.98 -10.38
N GLN G 185 30.14 9.41 -9.12
CA GLN G 185 29.48 8.72 -8.05
C GLN G 185 28.04 8.50 -8.45
N ARG G 186 27.39 9.57 -8.90
CA ARG G 186 26.00 9.50 -9.32
C ARG G 186 25.84 8.40 -10.35
N TRP G 187 26.70 8.44 -11.39
CA TRP G 187 26.67 7.44 -12.45
C TRP G 187 26.75 6.03 -11.87
N ARG G 188 27.72 5.82 -10.97
CA ARG G 188 27.95 4.53 -10.34
C ARG G 188 26.67 4.06 -9.72
N GLU G 189 26.07 4.93 -8.91
CA GLU G 189 24.83 4.63 -8.22
C GLU G 189 23.79 4.17 -9.19
N GLU G 190 23.42 5.07 -10.09
CA GLU G 190 22.39 4.85 -11.08
C GLU G 190 22.60 3.53 -11.76
N ARG G 191 23.71 3.47 -12.49
CA ARG G 191 24.15 2.30 -13.23
C ARG G 191 24.04 1.06 -12.36
N PHE G 192 24.75 1.16 -11.23
CA PHE G 192 24.81 0.12 -10.23
C PHE G 192 23.40 -0.32 -9.88
N ARG G 193 22.56 0.66 -9.52
CA ARG G 193 21.18 0.39 -9.13
C ARG G 193 20.46 -0.38 -10.19
N GLN G 194 20.58 0.04 -11.46
CA GLN G 194 19.93 -0.59 -12.59
C GLN G 194 20.29 -2.04 -12.56
N THR G 195 21.61 -2.30 -12.54
CA THR G 195 22.13 -3.66 -12.53
C THR G 195 21.47 -4.47 -11.43
N SER G 196 21.51 -3.92 -10.22
CA SER G 196 20.98 -4.56 -9.03
C SER G 196 19.55 -4.97 -9.26
N GLU G 197 18.78 -3.97 -9.69
CA GLU G 197 17.36 -4.09 -9.92
C GLU G 197 17.12 -5.26 -10.83
N SER G 198 17.81 -5.21 -11.98
CA SER G 198 17.70 -6.20 -13.03
C SER G 198 17.88 -7.56 -12.44
N THR G 199 19.00 -7.73 -11.74
CA THR G 199 19.37 -9.00 -11.12
C THR G 199 18.22 -9.53 -10.30
N ASN G 200 17.77 -8.67 -9.37
CA ASN G 200 16.68 -9.02 -8.45
C ASN G 200 15.51 -9.54 -9.21
N GLN G 201 15.09 -8.71 -10.17
CA GLN G 201 13.94 -8.98 -10.99
C GLN G 201 14.05 -10.34 -11.62
N ARG G 202 15.20 -10.56 -12.27
CA ARG G 202 15.49 -11.78 -12.98
C ARG G 202 15.28 -12.94 -12.07
N VAL G 203 15.93 -12.89 -10.90
CA VAL G 203 15.87 -13.95 -9.92
C VAL G 203 14.44 -14.29 -9.62
N LEU G 204 13.70 -13.24 -9.25
CA LEU G 204 12.30 -13.35 -8.89
C LEU G 204 11.52 -14.06 -9.96
N TRP G 205 11.69 -13.57 -11.20
CA TRP G 205 11.00 -14.06 -12.37
C TRP G 205 11.22 -15.54 -12.46
N TRP G 206 12.51 -15.90 -12.44
CA TRP G 206 12.92 -17.29 -12.56
C TRP G 206 12.22 -18.12 -11.53
N SER G 207 12.27 -17.68 -10.27
CA SER G 207 11.65 -18.40 -9.17
C SER G 207 10.19 -18.67 -9.46
N ILE G 208 9.47 -17.61 -9.81
CA ILE G 208 8.04 -17.76 -10.05
C ILE G 208 7.77 -18.72 -11.18
N LEU G 209 8.56 -18.62 -12.25
CA LEU G 209 8.43 -19.44 -13.44
C LEU G 209 8.56 -20.85 -12.98
N GLN G 210 9.59 -21.05 -12.17
CA GLN G 210 9.94 -22.32 -11.55
C GLN G 210 8.79 -22.98 -10.81
N THR G 211 8.43 -22.44 -9.65
CA THR G 211 7.39 -22.98 -8.76
C THR G 211 6.14 -23.40 -9.49
N LEU G 212 5.56 -22.42 -10.18
CA LEU G 212 4.35 -22.61 -10.95
C LEU G 212 4.54 -23.77 -11.91
N ILE G 213 5.64 -23.76 -12.66
CA ILE G 213 5.96 -24.82 -13.60
C ILE G 213 5.93 -26.17 -12.88
N LEU G 214 6.59 -26.27 -11.72
CA LEU G 214 6.59 -27.50 -10.94
C LEU G 214 5.17 -27.97 -10.65
N VAL G 215 4.31 -27.04 -10.22
CA VAL G 215 2.90 -27.39 -9.94
C VAL G 215 2.29 -28.04 -11.19
N ALA G 216 2.48 -27.36 -12.32
CA ALA G 216 1.99 -27.87 -13.60
C ALA G 216 2.52 -29.28 -13.86
N ILE G 217 3.82 -29.49 -13.62
CA ILE G 217 4.45 -30.79 -13.80
C ILE G 217 3.67 -31.83 -13.02
N GLY G 218 3.41 -31.55 -11.74
CA GLY G 218 2.63 -32.46 -10.90
C GLY G 218 1.30 -32.82 -11.55
N VAL G 219 0.60 -31.76 -11.99
CA VAL G 219 -0.69 -31.94 -12.65
C VAL G 219 -0.54 -32.91 -13.82
N TRP G 220 0.46 -32.67 -14.67
CA TRP G 220 0.65 -33.54 -15.82
C TRP G 220 1.03 -34.96 -15.43
N GLN G 221 1.71 -35.16 -14.30
CA GLN G 221 2.04 -36.50 -13.83
C GLN G 221 0.71 -37.19 -13.63
N MET G 222 -0.20 -36.51 -12.90
CA MET G 222 -1.55 -37.06 -12.74
C MET G 222 -2.19 -37.35 -14.11
N ARG G 223 -2.06 -36.45 -15.09
CA ARG G 223 -2.60 -36.70 -16.42
C ARG G 223 -2.05 -38.00 -17.02
N HIS G 224 -0.74 -38.24 -16.85
CA HIS G 224 -0.10 -39.45 -17.33
C HIS G 224 -0.74 -40.65 -16.68
N LEU G 225 -1.02 -40.57 -15.38
CA LEU G 225 -1.72 -41.66 -14.72
C LEU G 225 -3.07 -41.87 -15.42
N LYS G 226 -3.79 -40.78 -15.64
CA LYS G 226 -5.07 -40.85 -16.33
C LYS G 226 -4.99 -41.54 -17.69
N SER G 227 -4.08 -41.15 -18.58
CA SER G 227 -4.06 -41.87 -19.85
C SER G 227 -3.68 -43.33 -19.60
N PHE G 228 -2.57 -43.52 -18.88
CA PHE G 228 -2.11 -44.87 -18.55
C PHE G 228 -3.20 -45.68 -17.85
N PHE G 229 -3.89 -45.07 -16.87
CA PHE G 229 -4.97 -45.75 -16.15
C PHE G 229 -6.01 -46.24 -17.14
N GLU G 230 -6.42 -45.35 -18.04
CA GLU G 230 -7.38 -45.67 -19.09
C GLU G 230 -6.89 -46.90 -19.87
N ALA G 231 -5.62 -46.88 -20.28
CA ALA G 231 -5.03 -48.00 -21.01
C ALA G 231 -5.17 -49.31 -20.23
N LYS G 232 -4.88 -49.25 -18.92
CA LYS G 232 -4.99 -50.41 -18.06
C LYS G 232 -6.41 -50.93 -18.00
N LYS G 233 -7.40 -50.03 -17.98
CA LYS G 233 -8.77 -50.46 -17.92
C LYS G 233 -9.19 -51.06 -19.26
N LEU G 234 -9.03 -50.26 -20.30
CA LEU G 234 -9.35 -50.62 -21.67
C LEU G 234 -8.67 -51.92 -22.08
N VAL G 235 -7.70 -52.38 -21.29
CA VAL G 235 -6.99 -53.61 -21.60
C VAL G 235 -7.14 -54.63 -20.47
N SER H 162 39.57 41.27 -2.04
CA SER H 162 38.90 40.24 -1.24
C SER H 162 38.80 38.93 -2.02
N GLU H 163 39.59 38.82 -3.08
CA GLU H 163 39.62 37.64 -3.94
C GLU H 163 39.75 36.36 -3.12
N LEU H 164 40.74 36.34 -2.23
CA LEU H 164 41.00 35.22 -1.33
C LEU H 164 39.71 34.85 -0.63
N GLN H 165 39.07 35.84 0.00
CA GLN H 165 37.81 35.62 0.69
C GLN H 165 36.78 34.96 -0.23
N LEU H 166 36.64 35.47 -1.46
CA LEU H 166 35.71 34.89 -2.43
C LEU H 166 36.00 33.40 -2.61
N ARG H 167 37.28 33.09 -2.82
CA ARG H 167 37.73 31.70 -2.98
C ARG H 167 37.25 30.89 -1.77
N VAL H 168 37.50 31.42 -0.56
CA VAL H 168 37.07 30.75 0.67
C VAL H 168 35.57 30.45 0.62
N ARG H 169 34.76 31.44 0.21
CA ARG H 169 33.31 31.24 0.11
C ARG H 169 33.00 30.06 -0.80
N GLN H 170 33.66 30.03 -1.97
CA GLN H 170 33.48 28.94 -2.91
C GLN H 170 33.79 27.61 -2.22
N LEU H 171 34.92 27.56 -1.50
CA LEU H 171 35.30 26.37 -0.76
C LEU H 171 34.17 25.96 0.18
N VAL H 172 33.60 26.90 0.94
CA VAL H 172 32.50 26.52 1.84
C VAL H 172 31.31 25.93 1.07
N GLU H 173 31.00 26.48 -0.12
CA GLU H 173 29.93 25.91 -0.94
C GLU H 173 30.26 24.45 -1.26
N GLN H 174 31.52 24.21 -1.66
CA GLN H 174 31.99 22.86 -1.93
C GLN H 174 31.76 22.00 -0.69
N VAL H 175 32.11 22.52 0.47
CA VAL H 175 31.95 21.83 1.75
C VAL H 175 30.54 21.25 1.95
N GLU H 176 29.52 22.11 1.83
CA GLU H 176 28.12 21.70 2.00
C GLU H 176 27.81 20.51 1.10
N GLN H 177 28.16 20.69 -0.18
CA GLN H 177 28.01 19.65 -1.19
C GLN H 177 28.70 18.39 -0.69
N ILE H 178 29.95 18.50 -0.23
CA ILE H 178 30.67 17.35 0.33
C ILE H 178 29.86 16.64 1.42
N GLN H 179 29.25 17.39 2.33
CA GLN H 179 28.43 16.79 3.39
C GLN H 179 27.34 15.96 2.74
N LYS H 180 26.65 16.57 1.77
CA LYS H 180 25.61 15.87 1.04
C LYS H 180 26.17 14.58 0.43
N GLU H 181 27.33 14.62 -0.21
CA GLU H 181 27.85 13.39 -0.81
C GLU H 181 28.16 12.34 0.25
N GLN H 182 28.63 12.74 1.43
CA GLN H 182 28.90 11.81 2.53
C GLN H 182 27.59 11.09 2.82
N ASN H 183 26.51 11.88 2.99
CA ASN H 183 25.19 11.30 3.21
C ASN H 183 24.85 10.28 2.11
N TYR H 184 25.07 10.67 0.85
CA TYR H 184 24.81 9.80 -0.28
C TYR H 184 25.54 8.48 -0.09
N GLN H 185 26.83 8.54 0.25
CA GLN H 185 27.65 7.36 0.47
C GLN H 185 26.99 6.48 1.51
N ARG H 186 26.57 7.08 2.63
CA ARG H 186 25.90 6.34 3.70
C ARG H 186 24.69 5.60 3.13
N TRP H 187 23.86 6.31 2.36
CA TRP H 187 22.69 5.72 1.73
C TRP H 187 23.10 4.50 0.91
N ARG H 188 24.15 4.64 0.08
CA ARG H 188 24.64 3.54 -0.74
C ARG H 188 24.96 2.35 0.13
N GLU H 189 25.69 2.59 1.21
CA GLU H 189 26.07 1.54 2.15
C GLU H 189 24.82 0.82 2.60
N GLU H 190 23.81 1.58 3.04
CA GLU H 190 22.54 0.99 3.48
C GLU H 190 21.96 0.09 2.39
N ARG H 191 21.93 0.60 1.16
CA ARG H 191 21.41 -0.15 0.03
C ARG H 191 22.13 -1.48 -0.11
N PHE H 192 23.45 -1.47 -0.02
CA PHE H 192 24.21 -2.70 -0.12
C PHE H 192 23.78 -3.63 1.00
N ARG H 193 23.74 -3.08 2.20
CA ARG H 193 23.38 -3.83 3.39
C ARG H 193 22.03 -4.49 3.25
N GLN H 194 20.97 -3.70 3.12
CA GLN H 194 19.65 -4.32 3.06
C GLN H 194 19.51 -5.17 1.80
N THR H 195 20.10 -4.73 0.69
CA THR H 195 20.04 -5.52 -0.53
C THR H 195 20.84 -6.81 -0.40
N SER H 196 22.00 -6.74 0.25
CA SER H 196 22.78 -7.95 0.49
C SER H 196 22.00 -8.93 1.35
N GLU H 197 21.32 -8.41 2.39
CA GLU H 197 20.47 -9.25 3.22
C GLU H 197 19.36 -9.89 2.40
N SER H 198 18.70 -9.10 1.54
CA SER H 198 17.59 -9.61 0.75
C SER H 198 18.07 -10.70 -0.21
N THR H 199 19.18 -10.45 -0.90
CA THR H 199 19.70 -11.45 -1.84
C THR H 199 20.19 -12.70 -1.12
N ASN H 200 20.74 -12.54 0.08
CA ASN H 200 21.14 -13.70 0.87
C ASN H 200 19.93 -14.56 1.21
N GLN H 201 18.86 -13.93 1.68
CA GLN H 201 17.64 -14.67 1.99
C GLN H 201 17.07 -15.34 0.75
N ARG H 202 17.04 -14.50 -0.29
CA ARG H 202 16.52 -14.76 -1.61
C ARG H 202 16.93 -16.07 -2.19
N VAL H 203 18.13 -16.03 -2.77
CA VAL H 203 18.80 -17.14 -3.43
C VAL H 203 18.56 -18.42 -2.66
N LEU H 204 19.04 -18.42 -1.42
CA LEU H 204 18.90 -19.50 -0.48
C LEU H 204 17.48 -20.03 -0.48
N TRP H 205 16.51 -19.16 -0.16
CA TRP H 205 15.14 -19.65 -0.12
C TRP H 205 14.65 -20.26 -1.43
N TRP H 206 15.02 -19.68 -2.57
CA TRP H 206 14.56 -20.25 -3.84
C TRP H 206 15.15 -21.64 -4.00
N SER H 207 16.43 -21.78 -3.66
CA SER H 207 17.12 -23.06 -3.72
C SER H 207 16.37 -24.08 -2.87
N ILE H 208 16.01 -23.66 -1.64
CA ILE H 208 15.29 -24.52 -0.71
C ILE H 208 14.03 -25.02 -1.38
N LEU H 209 13.27 -24.09 -1.96
CA LEU H 209 12.04 -24.41 -2.65
C LEU H 209 12.30 -25.47 -3.68
N GLN H 210 13.32 -25.26 -4.52
CA GLN H 210 13.68 -26.21 -5.56
C GLN H 210 13.89 -27.60 -4.98
N THR H 211 14.66 -27.68 -3.89
CA THR H 211 14.95 -28.94 -3.23
C THR H 211 13.65 -29.63 -2.91
N LEU H 212 12.78 -28.87 -2.23
CA LEU H 212 11.48 -29.37 -1.83
C LEU H 212 10.74 -29.92 -3.03
N ILE H 213 10.68 -29.14 -4.11
CA ILE H 213 9.95 -29.59 -5.30
C ILE H 213 10.51 -30.90 -5.81
N LEU H 214 11.84 -31.02 -5.86
CA LEU H 214 12.47 -32.24 -6.34
C LEU H 214 12.01 -33.42 -5.52
N VAL H 215 12.05 -33.24 -4.20
CA VAL H 215 11.63 -34.27 -3.26
C VAL H 215 10.22 -34.71 -3.62
N ALA H 216 9.35 -33.71 -3.73
CA ALA H 216 7.96 -33.94 -4.08
C ALA H 216 7.85 -34.77 -5.35
N ILE H 217 8.58 -34.40 -6.42
CA ILE H 217 8.45 -35.17 -7.67
C ILE H 217 8.80 -36.61 -7.44
N GLY H 218 9.92 -36.85 -6.73
CA GLY H 218 10.36 -38.20 -6.42
C GLY H 218 9.23 -38.97 -5.78
N VAL H 219 8.68 -38.37 -4.73
CA VAL H 219 7.59 -38.95 -3.96
C VAL H 219 6.47 -39.35 -4.89
N TRP H 220 6.03 -38.39 -5.72
CA TRP H 220 4.93 -38.56 -6.65
C TRP H 220 5.16 -39.80 -7.46
N GLN H 221 6.34 -39.85 -8.09
CA GLN H 221 6.72 -40.94 -8.97
C GLN H 221 6.51 -42.26 -8.28
N MET H 222 7.15 -42.34 -7.11
CA MET H 222 7.12 -43.54 -6.29
C MET H 222 5.70 -44.00 -6.07
N ARG H 223 4.88 -43.06 -5.59
CA ARG H 223 3.50 -43.29 -5.26
C ARG H 223 2.79 -43.89 -6.42
N HIS H 224 2.88 -43.22 -7.57
CA HIS H 224 2.12 -43.72 -8.70
C HIS H 224 2.56 -45.08 -9.15
N LEU H 225 3.88 -45.34 -9.10
CA LEU H 225 4.44 -46.62 -9.49
C LEU H 225 3.77 -47.69 -8.66
N LYS H 226 3.80 -47.45 -7.34
CA LYS H 226 3.22 -48.36 -6.37
C LYS H 226 1.78 -48.65 -6.74
N SER H 227 1.03 -47.56 -6.95
CA SER H 227 -0.38 -47.65 -7.27
C SER H 227 -0.59 -48.57 -8.45
N PHE H 228 0.15 -48.32 -9.53
CA PHE H 228 -0.02 -49.11 -10.74
C PHE H 228 0.24 -50.57 -10.49
N PHE H 229 1.32 -50.85 -9.74
CA PHE H 229 1.70 -52.21 -9.40
C PHE H 229 0.50 -52.88 -8.75
N GLU H 230 -0.04 -52.21 -7.72
CA GLU H 230 -1.19 -52.73 -7.02
C GLU H 230 -2.36 -53.00 -7.95
N ALA H 231 -2.63 -52.07 -8.87
CA ALA H 231 -3.71 -52.22 -9.83
C ALA H 231 -3.53 -53.53 -10.57
N LYS H 232 -2.32 -53.75 -11.11
CA LYS H 232 -2.12 -54.99 -11.85
C LYS H 232 -2.15 -56.25 -10.96
N LYS H 233 -1.80 -56.09 -9.68
CA LYS H 233 -1.85 -57.17 -8.71
C LYS H 233 -3.32 -57.59 -8.54
N LEU H 234 -4.23 -56.60 -8.54
CA LEU H 234 -5.65 -56.89 -8.47
C LEU H 234 -6.12 -57.48 -9.81
N VAL H 235 -5.46 -57.08 -10.90
CA VAL H 235 -5.82 -57.58 -12.23
C VAL H 235 -5.12 -58.89 -12.58
N SER I 162 44.62 34.85 12.33
CA SER I 162 43.34 35.36 12.80
C SER I 162 42.19 34.48 12.32
N GLU I 163 41.07 35.11 11.96
CA GLU I 163 39.92 34.36 11.46
C GLU I 163 40.24 33.68 10.13
N LEU I 164 41.03 34.35 9.28
CA LEU I 164 41.41 33.75 8.01
C LEU I 164 42.29 32.51 8.23
N GLN I 165 43.12 32.54 9.27
CA GLN I 165 43.91 31.36 9.61
C GLN I 165 43.00 30.20 10.02
N LEU I 166 41.97 30.49 10.82
CA LEU I 166 41.02 29.46 11.21
C LEU I 166 40.28 28.92 9.99
N ARG I 167 39.97 29.79 9.03
CA ARG I 167 39.30 29.33 7.81
C ARG I 167 40.24 28.49 6.94
N VAL I 168 41.53 28.81 6.94
CA VAL I 168 42.50 27.97 6.23
C VAL I 168 42.55 26.59 6.87
N ARG I 169 42.55 26.53 8.20
CA ARG I 169 42.45 25.25 8.90
C ARG I 169 41.17 24.52 8.53
N GLN I 170 40.05 25.24 8.45
CA GLN I 170 38.78 24.62 8.07
C GLN I 170 38.84 24.03 6.67
N LEU I 171 39.45 24.76 5.73
CA LEU I 171 39.55 24.26 4.37
C LEU I 171 40.48 23.06 4.29
N VAL I 172 41.55 23.05 5.08
CA VAL I 172 42.42 21.87 5.13
C VAL I 172 41.66 20.68 5.71
N GLU I 173 40.82 20.93 6.71
CA GLU I 173 39.96 19.87 7.24
C GLU I 173 39.03 19.34 6.17
N GLN I 174 38.46 20.23 5.36
CA GLN I 174 37.58 19.80 4.28
C GLN I 174 38.34 18.99 3.25
N VAL I 175 39.57 19.38 2.94
CA VAL I 175 40.38 18.62 2.00
C VAL I 175 40.65 17.23 2.55
N GLU I 176 40.99 17.13 3.84
CA GLU I 176 41.22 15.83 4.45
C GLU I 176 39.96 14.97 4.40
N GLN I 177 38.81 15.57 4.71
CA GLN I 177 37.56 14.81 4.70
C GLN I 177 37.20 14.38 3.29
N ILE I 178 37.51 15.20 2.28
CA ILE I 178 37.26 14.82 0.91
C ILE I 178 38.21 13.71 0.47
N GLN I 179 39.43 13.72 0.97
CA GLN I 179 40.34 12.61 0.67
C GLN I 179 39.83 11.31 1.27
N LYS I 180 39.31 11.39 2.50
CA LYS I 180 38.66 10.22 3.10
C LYS I 180 37.45 9.80 2.26
N GLU I 181 36.70 10.78 1.75
CA GLU I 181 35.56 10.49 0.89
C GLU I 181 35.98 9.76 -0.38
N GLN I 182 37.09 10.19 -0.97
CA GLN I 182 37.60 9.52 -2.17
C GLN I 182 38.05 8.10 -1.86
N ASN I 183 38.76 7.92 -0.74
CA ASN I 183 39.17 6.58 -0.36
C ASN I 183 37.96 5.67 -0.17
N TYR I 184 36.94 6.16 0.54
CA TYR I 184 35.76 5.35 0.78
C TYR I 184 34.98 5.12 -0.51
N GLN I 185 34.97 6.10 -1.41
CA GLN I 185 34.29 5.96 -2.69
C GLN I 185 34.93 4.85 -3.53
N ARG I 186 36.26 4.90 -3.67
CA ARG I 186 36.94 3.87 -4.44
C ARG I 186 36.77 2.50 -3.79
N TRP I 187 36.95 2.43 -2.47
CA TRP I 187 36.82 1.16 -1.78
C TRP I 187 35.41 0.61 -1.94
N ARG I 188 34.40 1.48 -1.87
CA ARG I 188 33.02 1.05 -1.89
C ARG I 188 32.61 0.65 -3.31
N GLU I 189 33.18 1.31 -4.31
CA GLU I 189 33.05 0.83 -5.68
C GLU I 189 33.60 -0.58 -5.81
N GLU I 190 34.76 -0.82 -5.18
CA GLU I 190 35.33 -2.15 -5.20
C GLU I 190 34.39 -3.15 -4.54
N ARG I 191 33.76 -2.75 -3.43
CA ARG I 191 32.80 -3.64 -2.78
C ARG I 191 31.63 -3.96 -3.69
N PHE I 192 30.98 -2.94 -4.27
CA PHE I 192 29.88 -3.22 -5.19
C PHE I 192 30.33 -4.12 -6.34
N ARG I 193 31.43 -3.79 -7.01
CA ARG I 193 31.80 -4.54 -8.20
C ARG I 193 32.14 -5.98 -7.87
N GLN I 194 33.00 -6.18 -6.87
CA GLN I 194 33.41 -7.52 -6.47
C GLN I 194 32.21 -8.32 -5.96
N THR I 195 31.36 -7.71 -5.13
CA THR I 195 30.21 -8.39 -4.58
C THR I 195 29.19 -8.75 -5.65
N SER I 196 28.98 -7.86 -6.62
CA SER I 196 28.05 -8.15 -7.71
C SER I 196 28.56 -9.29 -8.58
N GLU I 197 29.85 -9.26 -8.92
CA GLU I 197 30.42 -10.36 -9.69
C GLU I 197 30.35 -11.66 -8.91
N SER I 198 30.67 -11.61 -7.61
CA SER I 198 30.64 -12.80 -6.78
C SER I 198 29.22 -13.34 -6.66
N THR I 199 28.24 -12.46 -6.50
CA THR I 199 26.85 -12.89 -6.38
C THR I 199 26.37 -13.53 -7.67
N ASN I 200 26.69 -12.91 -8.81
CA ASN I 200 26.29 -13.47 -10.10
C ASN I 200 26.93 -14.84 -10.33
N GLN I 201 28.23 -14.94 -10.06
CA GLN I 201 28.91 -16.21 -10.23
C GLN I 201 28.37 -17.25 -9.24
N ARG I 202 28.06 -16.82 -8.02
CA ARG I 202 27.57 -17.72 -6.98
C ARG I 202 26.22 -18.30 -7.37
N VAL I 203 25.30 -17.44 -7.80
CA VAL I 203 23.97 -17.90 -8.18
C VAL I 203 24.04 -18.74 -9.44
N LEU I 204 24.91 -18.36 -10.38
CA LEU I 204 25.10 -19.18 -11.57
C LEU I 204 25.58 -20.58 -11.18
N TRP I 205 26.63 -20.65 -10.36
CA TRP I 205 27.16 -21.94 -9.93
C TRP I 205 26.07 -22.78 -9.28
N TRP I 206 25.44 -22.25 -8.23
CA TRP I 206 24.47 -23.05 -7.49
C TRP I 206 23.29 -23.43 -8.36
N SER I 207 22.77 -22.50 -9.16
CA SER I 207 21.54 -22.75 -9.89
C SER I 207 21.76 -23.71 -11.05
N ILE I 208 22.87 -23.55 -11.79
CA ILE I 208 23.19 -24.51 -12.85
C ILE I 208 23.49 -25.88 -12.25
N LEU I 209 24.22 -25.91 -11.13
CA LEU I 209 24.46 -27.18 -10.46
C LEU I 209 23.15 -27.85 -10.09
N GLN I 210 22.21 -27.09 -9.55
CA GLN I 210 20.93 -27.66 -9.15
C GLN I 210 20.11 -28.10 -10.36
N THR I 211 20.29 -27.42 -11.50
CA THR I 211 19.61 -27.87 -12.72
C THR I 211 20.14 -29.24 -13.18
N LEU I 212 21.46 -29.38 -13.21
CA LEU I 212 22.04 -30.69 -13.53
C LEU I 212 21.63 -31.74 -12.51
N ILE I 213 21.57 -31.37 -11.24
CA ILE I 213 21.11 -32.29 -10.20
C ILE I 213 19.67 -32.71 -10.46
N LEU I 214 18.81 -31.75 -10.79
CA LEU I 214 17.42 -32.06 -11.08
C LEU I 214 17.30 -33.08 -12.20
N VAL I 215 18.02 -32.83 -13.30
CA VAL I 215 17.98 -33.77 -14.41
C VAL I 215 18.57 -35.12 -14.03
N ALA I 216 19.62 -35.12 -13.20
CA ALA I 216 20.27 -36.36 -12.81
C ALA I 216 19.33 -37.25 -12.02
N ILE I 217 18.69 -36.70 -10.99
CA ILE I 217 17.72 -37.50 -10.23
C ILE I 217 16.47 -37.81 -11.05
N GLY I 218 16.10 -36.95 -11.99
CA GLY I 218 15.00 -37.33 -12.88
C GLY I 218 15.32 -38.60 -13.67
N VAL I 219 16.51 -38.65 -14.27
CA VAL I 219 16.92 -39.83 -15.02
C VAL I 219 17.11 -41.02 -14.08
N TRP I 220 17.59 -40.77 -12.86
CA TRP I 220 17.79 -41.85 -11.90
C TRP I 220 16.46 -42.48 -11.50
N GLN I 221 15.43 -41.66 -11.28
CA GLN I 221 14.11 -42.20 -10.99
C GLN I 221 13.53 -42.92 -12.20
N MET I 222 13.76 -42.40 -13.41
CA MET I 222 13.38 -43.18 -14.60
C MET I 222 14.02 -44.56 -14.58
N ARG I 223 15.32 -44.63 -14.30
CA ARG I 223 16.02 -45.90 -14.27
C ARG I 223 15.46 -46.82 -13.19
N HIS I 224 15.11 -46.25 -12.04
CA HIS I 224 14.60 -47.08 -10.95
C HIS I 224 13.19 -47.60 -11.24
N LEU I 225 12.35 -46.79 -11.89
CA LEU I 225 11.08 -47.32 -12.40
C LEU I 225 11.32 -48.46 -13.37
N LYS I 226 12.27 -48.28 -14.30
CA LYS I 226 12.57 -49.36 -15.24
C LYS I 226 13.00 -50.62 -14.51
N SER I 227 13.90 -50.47 -13.53
CA SER I 227 14.42 -51.62 -12.81
C SER I 227 13.33 -52.33 -12.01
N PHE I 228 12.47 -51.56 -11.35
CA PHE I 228 11.37 -52.17 -10.59
C PHE I 228 10.41 -52.91 -11.51
N PHE I 229 10.16 -52.36 -12.69
CA PHE I 229 9.26 -53.03 -13.62
C PHE I 229 9.89 -54.29 -14.20
N GLU I 230 11.21 -54.27 -14.43
CA GLU I 230 11.89 -55.51 -14.84
C GLU I 230 11.81 -56.54 -13.73
N ALA I 231 11.94 -56.12 -12.48
CA ALA I 231 11.77 -57.03 -11.35
C ALA I 231 10.37 -57.61 -11.31
N LYS I 232 9.37 -56.78 -11.61
CA LYS I 232 7.99 -57.26 -11.67
C LYS I 232 7.82 -58.28 -12.79
N LYS I 233 8.51 -58.07 -13.92
CA LYS I 233 8.44 -59.03 -15.02
C LYS I 233 8.91 -60.41 -14.58
N LEU I 234 9.91 -60.47 -13.70
CA LEU I 234 10.47 -61.72 -13.23
C LEU I 234 9.80 -62.22 -11.96
N VAL I 235 8.58 -61.80 -11.68
CA VAL I 235 7.85 -62.29 -10.51
C VAL I 235 7.31 -63.69 -10.78
N LYS J 160 0.07 55.82 4.36
CA LYS J 160 -1.31 55.48 3.97
C LYS J 160 -1.35 54.19 3.17
N LEU J 161 -0.73 54.21 1.99
CA LEU J 161 -0.67 53.06 1.08
C LEU J 161 -0.26 51.79 1.82
N SER J 162 0.85 51.88 2.55
CA SER J 162 1.37 50.77 3.34
C SER J 162 0.28 50.22 4.23
N GLU J 163 -0.37 51.12 4.98
CA GLU J 163 -1.47 50.73 5.87
C GLU J 163 -2.55 49.97 5.08
N LEU J 164 -2.93 50.48 3.91
CA LEU J 164 -3.93 49.81 3.07
C LEU J 164 -3.47 48.38 2.77
N GLN J 165 -2.20 48.22 2.38
CA GLN J 165 -1.64 46.90 2.11
C GLN J 165 -1.81 46.00 3.34
N LEU J 166 -1.49 46.52 4.53
CA LEU J 166 -1.66 45.78 5.77
C LEU J 166 -3.11 45.31 5.89
N ARG J 167 -4.07 46.20 5.64
CA ARG J 167 -5.49 45.85 5.68
C ARG J 167 -5.75 44.68 4.74
N VAL J 168 -5.23 44.74 3.51
CA VAL J 168 -5.39 43.65 2.55
C VAL J 168 -4.89 42.34 3.16
N ARG J 169 -3.70 42.38 3.78
CA ARG J 169 -3.14 41.19 4.44
C ARG J 169 -4.14 40.67 5.47
N GLN J 170 -4.70 41.57 6.30
CA GLN J 170 -5.70 41.19 7.29
C GLN J 170 -6.85 40.46 6.60
N LEU J 171 -7.35 40.99 5.47
CA LEU J 171 -8.43 40.34 4.74
C LEU J 171 -8.03 38.91 4.38
N VAL J 172 -6.80 38.73 3.86
CA VAL J 172 -6.29 37.40 3.53
C VAL J 172 -6.37 36.50 4.78
N GLU J 173 -5.92 37.02 5.92
CA GLU J 173 -5.97 36.27 7.18
C GLU J 173 -7.41 35.83 7.47
N GLN J 174 -8.37 36.75 7.30
CA GLN J 174 -9.79 36.47 7.50
C GLN J 174 -10.31 35.38 6.55
N VAL J 175 -9.76 35.32 5.33
CA VAL J 175 -10.13 34.26 4.39
C VAL J 175 -9.62 32.97 5.01
N GLU J 176 -8.39 32.99 5.51
CA GLU J 176 -7.82 31.80 6.14
C GLU J 176 -8.65 31.49 7.39
N GLN J 177 -9.03 32.53 8.10
CA GLN J 177 -9.84 32.42 9.32
C GLN J 177 -11.09 31.59 9.00
N ILE J 178 -11.75 31.94 7.88
CA ILE J 178 -12.90 31.19 7.41
C ILE J 178 -12.50 29.72 7.25
N GLN J 179 -11.36 29.46 6.60
CA GLN J 179 -10.85 28.12 6.43
C GLN J 179 -10.75 27.38 7.79
N LYS J 180 -10.22 28.04 8.83
CA LYS J 180 -10.14 27.45 10.16
C LYS J 180 -11.52 26.98 10.65
N GLU J 181 -12.49 27.88 10.47
CA GLU J 181 -13.87 27.54 10.84
C GLU J 181 -14.29 26.26 10.09
N GLN J 182 -14.05 26.26 8.77
CA GLN J 182 -14.35 25.12 7.93
C GLN J 182 -13.74 23.84 8.49
N ASN J 183 -12.45 23.85 8.92
CA ASN J 183 -11.77 22.65 9.48
C ASN J 183 -12.66 22.09 10.53
N TYR J 184 -12.92 22.98 11.51
CA TYR J 184 -13.73 22.60 12.67
C TYR J 184 -15.02 21.90 12.24
N GLN J 185 -15.77 22.60 11.37
CA GLN J 185 -17.07 22.05 10.99
C GLN J 185 -16.97 20.69 10.33
N ARG J 186 -15.97 20.57 9.45
CA ARG J 186 -15.71 19.35 8.69
C ARG J 186 -15.58 18.23 9.66
N TRP J 187 -14.67 18.44 10.62
CA TRP J 187 -14.40 17.44 11.66
C TRP J 187 -15.68 16.97 12.29
N ARG J 188 -16.45 17.93 12.82
CA ARG J 188 -17.67 17.50 13.56
C ARG J 188 -18.61 16.66 12.70
N GLU J 189 -18.81 17.16 11.47
CA GLU J 189 -19.76 16.52 10.55
C GLU J 189 -19.37 15.06 10.34
N GLU J 190 -18.07 14.92 10.03
CA GLU J 190 -17.45 13.65 9.71
C GLU J 190 -17.75 12.72 10.82
N ARG J 191 -17.33 13.18 12.02
CA ARG J 191 -17.44 12.42 13.25
C ARG J 191 -18.81 11.83 13.40
N PHE J 192 -19.82 12.71 13.34
CA PHE J 192 -21.22 12.30 13.53
C PHE J 192 -21.59 11.12 12.63
N ARG J 193 -21.37 11.39 11.33
CA ARG J 193 -21.74 10.41 10.31
C ARG J 193 -21.13 9.05 10.59
N GLN J 194 -19.81 9.16 10.78
CA GLN J 194 -18.95 8.03 10.99
C GLN J 194 -19.50 7.17 12.09
N THR J 195 -19.72 7.81 13.25
CA THR J 195 -20.15 7.10 14.43
C THR J 195 -21.38 6.30 14.15
N SER J 196 -22.38 6.98 13.57
CA SER J 196 -23.65 6.29 13.30
C SER J 196 -23.48 5.01 12.48
N GLU J 197 -22.76 5.18 11.35
CA GLU J 197 -22.63 4.03 10.45
C GLU J 197 -21.91 2.89 11.14
N SER J 198 -20.82 3.28 11.84
CA SER J 198 -19.97 2.37 12.54
C SER J 198 -20.81 1.51 13.44
N THR J 199 -21.62 2.17 14.29
CA THR J 199 -22.46 1.48 15.28
C THR J 199 -23.23 0.35 14.62
N ASN J 200 -23.97 0.76 13.56
CA ASN J 200 -24.78 -0.25 12.87
C ASN J 200 -23.93 -1.45 12.39
N GLN J 201 -22.81 -1.14 11.75
CA GLN J 201 -21.92 -2.19 11.28
C GLN J 201 -21.44 -3.23 12.31
N ARG J 202 -21.01 -2.82 13.53
CA ARG J 202 -20.29 -3.86 14.43
C ARG J 202 -21.59 -4.60 14.89
N VAL J 203 -22.76 -3.92 15.16
CA VAL J 203 -23.95 -4.72 15.55
C VAL J 203 -24.39 -5.76 14.49
N LEU J 204 -24.24 -5.42 13.20
CA LEU J 204 -24.64 -6.31 12.12
C LEU J 204 -23.75 -7.52 12.25
N TRP J 205 -22.47 -7.26 12.39
CA TRP J 205 -21.58 -8.38 12.55
C TRP J 205 -21.81 -9.20 13.84
N TRP J 206 -22.33 -8.59 14.90
CA TRP J 206 -22.67 -9.34 16.12
C TRP J 206 -23.69 -10.36 15.64
N SER J 207 -24.74 -9.90 14.95
CA SER J 207 -25.71 -10.83 14.37
C SER J 207 -25.05 -11.97 13.57
N ILE J 208 -24.06 -11.67 12.70
CA ILE J 208 -23.43 -12.78 11.94
C ILE J 208 -22.81 -13.82 12.89
N LEU J 209 -22.10 -13.27 13.88
CA LEU J 209 -21.47 -14.10 14.90
C LEU J 209 -22.51 -14.94 15.61
N GLN J 210 -23.64 -14.31 15.96
CA GLN J 210 -24.75 -14.95 16.62
C GLN J 210 -25.17 -16.13 15.79
N THR J 211 -25.36 -15.96 14.48
CA THR J 211 -25.73 -17.06 13.58
C THR J 211 -24.77 -18.23 13.77
N LEU J 212 -23.46 -17.92 13.69
CA LEU J 212 -22.44 -18.97 13.89
C LEU J 212 -22.65 -19.70 15.23
N ILE J 213 -22.81 -18.95 16.31
CA ILE J 213 -23.01 -19.58 17.62
C ILE J 213 -24.31 -20.37 17.67
N LEU J 214 -25.36 -19.77 17.11
CA LEU J 214 -26.68 -20.36 17.09
C LEU J 214 -26.67 -21.70 16.37
N VAL J 215 -25.96 -21.75 15.24
CA VAL J 215 -25.83 -22.98 14.47
C VAL J 215 -25.21 -24.06 15.35
N ALA J 216 -24.16 -23.70 16.12
CA ALA J 216 -23.52 -24.65 17.01
C ALA J 216 -24.51 -25.16 18.05
N ILE J 217 -25.37 -24.26 18.57
CA ILE J 217 -26.41 -24.69 19.51
C ILE J 217 -27.30 -25.72 18.85
N GLY J 218 -27.69 -25.49 17.58
CA GLY J 218 -28.50 -26.43 16.84
C GLY J 218 -27.77 -27.77 16.69
N VAL J 219 -26.46 -27.73 16.48
CA VAL J 219 -25.66 -28.93 16.36
C VAL J 219 -25.76 -29.72 17.65
N TRP J 220 -25.73 -29.09 18.83
CA TRP J 220 -25.88 -29.99 20.00
C TRP J 220 -27.30 -30.27 20.57
N GLN J 221 -28.30 -29.41 20.25
CA GLN J 221 -29.64 -29.93 20.38
C GLN J 221 -29.72 -31.30 19.73
N MET J 222 -29.14 -31.45 18.54
CA MET J 222 -29.12 -32.73 17.85
C MET J 222 -28.47 -33.76 18.76
N ARG J 223 -27.32 -33.42 19.37
CA ARG J 223 -26.66 -34.33 20.30
C ARG J 223 -27.65 -34.74 21.41
N HIS J 224 -28.36 -33.77 21.99
CA HIS J 224 -29.36 -34.07 23.00
C HIS J 224 -30.39 -35.09 22.48
N LEU J 225 -30.87 -34.88 21.24
CA LEU J 225 -31.83 -35.81 20.62
C LEU J 225 -31.22 -37.20 20.62
N LYS J 226 -29.95 -37.32 20.19
CA LYS J 226 -29.26 -38.61 20.21
C LYS J 226 -29.29 -39.22 21.61
N SER J 227 -29.03 -38.40 22.64
CA SER J 227 -29.06 -38.85 24.03
C SER J 227 -30.45 -39.36 24.44
N PHE J 228 -31.52 -38.77 23.91
CA PHE J 228 -32.88 -39.20 24.27
C PHE J 228 -33.06 -40.69 24.01
N ARG K 167 -8.95 56.08 10.89
CA ARG K 167 -10.14 55.24 10.74
C ARG K 167 -9.82 53.91 10.04
N VAL K 168 -9.21 54.02 8.86
CA VAL K 168 -8.82 52.86 8.06
C VAL K 168 -8.01 51.90 8.93
N ARG K 169 -6.98 52.41 9.59
CA ARG K 169 -6.15 51.59 10.48
C ARG K 169 -6.99 50.87 11.53
N GLN K 170 -7.92 51.60 12.15
CA GLN K 170 -8.82 51.03 13.15
C GLN K 170 -9.52 49.83 12.53
N LEU K 171 -10.11 50.04 11.35
CA LEU K 171 -10.76 48.96 10.62
C LEU K 171 -9.82 47.78 10.48
N VAL K 172 -8.55 47.98 10.05
CA VAL K 172 -7.61 46.85 9.89
C VAL K 172 -7.49 46.07 11.18
N GLU K 173 -7.31 46.82 12.29
CA GLU K 173 -7.18 46.23 13.61
C GLU K 173 -8.38 45.33 13.85
N GLN K 174 -9.57 45.89 13.64
CA GLN K 174 -10.82 45.15 13.80
C GLN K 174 -10.76 43.85 12.99
N VAL K 175 -10.37 43.89 11.71
CA VAL K 175 -10.33 42.64 10.94
C VAL K 175 -9.41 41.62 11.59
N GLU K 176 -8.23 42.08 12.03
CA GLU K 176 -7.28 41.20 12.70
C GLU K 176 -7.95 40.53 13.90
N GLN K 177 -8.63 41.34 14.71
CA GLN K 177 -9.34 40.87 15.88
C GLN K 177 -10.32 39.79 15.46
N ILE K 178 -11.10 40.06 14.41
CA ILE K 178 -12.07 39.11 13.89
C ILE K 178 -11.38 37.80 13.59
N GLN K 179 -10.25 37.83 12.88
CA GLN K 179 -9.50 36.62 12.56
C GLN K 179 -9.19 35.84 13.82
N LYS K 180 -8.67 36.54 14.84
CA LYS K 180 -8.35 35.90 16.11
C LYS K 180 -9.60 35.20 16.67
N GLU K 181 -10.72 35.93 16.67
CA GLU K 181 -11.98 35.39 17.14
C GLU K 181 -12.33 34.12 16.39
N GLN K 182 -12.18 34.13 15.06
CA GLN K 182 -12.46 32.98 14.22
C GLN K 182 -11.65 31.81 14.72
N ASN K 183 -10.34 32.03 14.93
CA ASN K 183 -9.46 30.99 15.46
C ASN K 183 -10.04 30.43 16.75
N TYR K 184 -10.42 31.29 17.68
CA TYR K 184 -10.99 30.80 18.95
C TYR K 184 -12.28 29.99 18.76
N GLN K 185 -13.11 30.39 17.78
CA GLN K 185 -14.35 29.70 17.47
C GLN K 185 -13.93 28.30 17.08
N ARG K 186 -12.97 28.24 16.15
CA ARG K 186 -12.41 26.98 15.70
C ARG K 186 -11.83 26.16 16.87
N TRP K 187 -11.23 26.78 17.90
CA TRP K 187 -10.65 26.06 19.03
C TRP K 187 -11.78 25.31 19.65
N ARG K 188 -12.88 26.04 19.92
CA ARG K 188 -14.07 25.40 20.47
C ARG K 188 -14.49 24.23 19.59
N GLU K 189 -14.56 24.46 18.26
CA GLU K 189 -14.93 23.41 17.32
C GLU K 189 -14.04 22.17 17.50
N GLU K 190 -12.73 22.39 17.57
CA GLU K 190 -11.73 21.36 17.74
C GLU K 190 -12.07 20.56 18.98
N ARG K 191 -12.33 21.25 20.09
CA ARG K 191 -12.67 20.61 21.35
C ARG K 191 -13.86 19.69 21.14
N PHE K 192 -14.90 20.24 20.51
CA PHE K 192 -16.12 19.49 20.22
C PHE K 192 -15.77 18.22 19.47
N ARG K 193 -14.98 18.37 18.40
CA ARG K 193 -14.55 17.27 17.57
C ARG K 193 -13.92 16.20 18.43
N GLN K 194 -12.98 16.58 19.29
CA GLN K 194 -12.29 15.64 20.18
C GLN K 194 -13.30 14.84 20.96
N THR K 195 -14.22 15.57 21.61
CA THR K 195 -15.25 14.94 22.43
C THR K 195 -16.01 13.92 21.61
N SER K 196 -16.45 14.35 20.42
CA SER K 196 -17.21 13.52 19.50
C SER K 196 -16.44 12.25 19.24
N GLU K 197 -15.15 12.36 18.89
CA GLU K 197 -14.31 11.22 18.58
C GLU K 197 -14.35 10.24 19.73
N SER K 198 -14.02 10.71 20.93
CA SER K 198 -14.01 9.86 22.12
C SER K 198 -15.41 9.40 22.52
N THR K 199 -16.22 10.32 23.05
CA THR K 199 -17.59 10.07 23.53
C THR K 199 -18.42 9.06 22.74
N ASN K 200 -18.71 9.39 21.48
CA ASN K 200 -19.49 8.48 20.64
C ASN K 200 -18.87 7.08 20.57
N GLN K 201 -17.55 7.01 20.39
CA GLN K 201 -16.84 5.74 20.37
C GLN K 201 -17.00 4.98 21.71
N ARG K 202 -17.03 5.70 22.83
CA ARG K 202 -17.27 5.12 24.15
C ARG K 202 -18.67 4.52 24.15
N VAL K 203 -19.64 5.21 23.53
CA VAL K 203 -20.99 4.66 23.39
C VAL K 203 -20.89 3.36 22.56
N LEU K 204 -20.03 3.33 21.54
CA LEU K 204 -19.78 2.13 20.73
C LEU K 204 -19.35 1.03 21.69
N TRP K 205 -18.96 1.53 22.86
CA TRP K 205 -18.59 0.85 24.07
C TRP K 205 -19.95 0.38 24.63
N TRP K 206 -20.64 1.33 25.24
CA TRP K 206 -21.97 1.11 25.83
C TRP K 206 -22.91 0.49 24.81
N SER K 207 -22.95 1.10 23.64
CA SER K 207 -23.75 0.63 22.52
C SER K 207 -23.51 -0.84 22.28
N ILE K 208 -22.24 -1.24 22.10
CA ILE K 208 -22.11 -2.68 21.85
C ILE K 208 -22.38 -3.55 23.05
N LEU K 209 -22.25 -3.04 24.29
CA LEU K 209 -22.61 -3.80 25.48
C LEU K 209 -24.08 -4.15 25.28
N GLN K 210 -24.91 -3.14 24.98
CA GLN K 210 -26.33 -3.38 24.70
C GLN K 210 -26.48 -4.46 23.62
N THR K 211 -25.74 -4.34 22.53
CA THR K 211 -25.80 -5.36 21.46
C THR K 211 -25.57 -6.78 22.01
N LEU K 212 -24.52 -6.91 22.83
CA LEU K 212 -24.15 -8.19 23.45
C LEU K 212 -25.34 -8.68 24.21
N ILE K 213 -25.91 -7.81 25.05
CA ILE K 213 -27.08 -8.15 25.86
C ILE K 213 -28.17 -8.72 24.97
N LEU K 214 -28.50 -8.05 23.86
CA LEU K 214 -29.53 -8.51 22.94
C LEU K 214 -29.24 -9.95 22.53
N VAL K 215 -28.01 -10.17 22.07
CA VAL K 215 -27.59 -11.49 21.63
C VAL K 215 -27.82 -12.51 22.73
N ALA K 216 -27.35 -12.17 23.94
CA ALA K 216 -27.46 -13.02 25.10
C ALA K 216 -28.90 -13.42 25.32
N ILE K 217 -29.80 -12.42 25.28
CA ILE K 217 -31.23 -12.63 25.45
C ILE K 217 -31.68 -13.69 24.47
N GLY K 218 -31.33 -13.48 23.19
CA GLY K 218 -31.65 -14.44 22.14
C GLY K 218 -31.25 -15.85 22.55
N VAL K 219 -29.98 -16.03 22.94
CA VAL K 219 -29.55 -17.38 23.32
C VAL K 219 -30.35 -17.94 24.48
N TRP K 220 -30.66 -17.09 25.47
CA TRP K 220 -31.44 -17.49 26.63
C TRP K 220 -32.77 -18.04 26.15
N GLN K 221 -33.43 -17.29 25.25
CA GLN K 221 -34.70 -17.70 24.68
C GLN K 221 -34.56 -19.08 24.06
N MET K 222 -33.52 -19.26 23.26
CA MET K 222 -33.26 -20.56 22.63
C MET K 222 -33.20 -21.67 23.68
N ARG K 223 -32.44 -21.43 24.75
CA ARG K 223 -32.29 -22.38 25.84
C ARG K 223 -33.66 -22.73 26.38
N HIS K 224 -34.48 -21.71 26.64
CA HIS K 224 -35.83 -21.91 27.14
C HIS K 224 -36.60 -22.84 26.21
N LEU K 225 -36.53 -22.57 24.90
CA LEU K 225 -37.20 -23.40 23.91
C LEU K 225 -36.76 -24.85 24.07
N LYS K 226 -35.45 -25.06 24.16
CA LYS K 226 -34.89 -26.40 24.35
C LYS K 226 -35.53 -27.06 25.56
N SER K 227 -35.56 -26.32 26.68
CA SER K 227 -36.15 -26.81 27.91
C SER K 227 -37.59 -27.25 27.67
N PHE K 228 -38.37 -26.42 26.97
CA PHE K 228 -39.76 -26.75 26.65
C PHE K 228 -39.80 -28.08 25.95
N PHE K 229 -38.96 -28.25 24.91
CA PHE K 229 -38.91 -29.52 24.19
C PHE K 229 -38.61 -30.68 25.15
N GLU K 230 -37.64 -30.49 26.06
CA GLU K 230 -37.31 -31.52 27.05
C GLU K 230 -38.57 -31.91 27.83
N ALA K 231 -39.32 -30.89 28.28
CA ALA K 231 -40.57 -31.07 29.02
C ALA K 231 -41.64 -31.81 28.20
N LYS K 232 -41.64 -31.63 26.87
CA LYS K 232 -42.59 -32.32 26.01
C LYS K 232 -42.04 -33.66 25.53
N LYS K 233 -40.83 -34.00 25.96
CA LYS K 233 -40.17 -35.25 25.60
C LYS K 233 -40.21 -35.51 24.09
N SER L 162 -0.68 65.07 13.30
CA SER L 162 -1.34 64.73 14.55
C SER L 162 -2.19 63.49 14.39
N GLU L 163 -3.44 63.70 13.96
CA GLU L 163 -4.39 62.61 13.74
C GLU L 163 -3.78 61.51 12.88
N LEU L 164 -3.20 61.90 11.74
CA LEU L 164 -2.53 60.98 10.84
C LEU L 164 -1.52 60.13 11.61
N GLN L 165 -0.67 60.79 12.40
CA GLN L 165 0.33 60.09 13.20
C GLN L 165 -0.35 59.05 14.10
N LEU L 166 -1.44 59.45 14.78
CA LEU L 166 -2.19 58.53 15.63
C LEU L 166 -2.62 57.30 14.82
N ARG L 167 -3.17 57.55 13.62
CA ARG L 167 -3.59 56.48 12.73
C ARG L 167 -2.40 55.54 12.48
N VAL L 168 -1.22 56.09 12.17
CA VAL L 168 -0.03 55.28 11.95
C VAL L 168 0.22 54.38 13.15
N ARG L 169 0.16 54.95 14.36
CA ARG L 169 0.35 54.16 15.59
C ARG L 169 -0.62 52.98 15.62
N GLN L 170 -1.90 53.28 15.32
CA GLN L 170 -2.93 52.25 15.27
C GLN L 170 -2.51 51.16 14.30
N LEU L 171 -2.05 51.54 13.10
CA LEU L 171 -1.59 50.60 12.10
C LEU L 171 -0.52 49.71 12.71
N VAL L 172 0.48 50.27 13.42
CA VAL L 172 1.51 49.38 14.00
C VAL L 172 0.88 48.38 14.99
N GLU L 173 -0.07 48.85 15.79
CA GLU L 173 -0.76 47.98 16.74
C GLU L 173 -1.46 46.89 15.92
N GLN L 174 -2.03 47.31 14.78
CA GLN L 174 -2.73 46.41 13.87
C GLN L 174 -1.77 45.31 13.47
N VAL L 175 -0.58 45.70 13.04
CA VAL L 175 0.46 44.76 12.64
C VAL L 175 0.73 43.76 13.76
N GLU L 176 0.88 44.26 15.00
CA GLU L 176 1.12 43.39 16.14
C GLU L 176 0.03 42.33 16.21
N GLN L 177 -1.24 42.78 16.13
CA GLN L 177 -2.37 41.87 16.14
C GLN L 177 -2.22 40.81 15.05
N ILE L 178 -1.86 41.23 13.83
CA ILE L 178 -1.65 40.29 12.72
C ILE L 178 -0.62 39.22 13.12
N GLN L 179 0.49 39.66 13.69
CA GLN L 179 1.54 38.76 14.14
C GLN L 179 0.95 37.73 15.10
N LYS L 180 0.19 38.22 16.09
CA LYS L 180 -0.45 37.34 17.05
C LYS L 180 -1.34 36.32 16.34
N GLU L 181 -2.11 36.75 15.34
CA GLU L 181 -2.97 35.86 14.57
C GLU L 181 -2.11 34.76 13.98
N GLN L 182 -0.98 35.11 13.35
CA GLN L 182 -0.07 34.12 12.78
C GLN L 182 0.34 33.11 13.84
N ASN L 183 0.72 33.60 15.02
CA ASN L 183 1.10 32.71 16.14
C ASN L 183 -0.02 31.73 16.42
N TYR L 184 -1.24 32.26 16.53
CA TYR L 184 -2.42 31.45 16.77
C TYR L 184 -2.53 30.36 15.72
N GLN L 185 -2.37 30.72 14.45
CA GLN L 185 -2.43 29.77 13.35
C GLN L 185 -1.44 28.64 13.60
N ARG L 186 -0.20 28.99 13.94
CA ARG L 186 0.81 27.97 14.24
C ARG L 186 0.34 27.04 15.36
N TRP L 187 -0.22 27.63 16.42
CA TRP L 187 -0.71 26.80 17.53
C TRP L 187 -1.81 25.86 17.03
N ARG L 188 -2.70 26.35 16.16
CA ARG L 188 -3.76 25.54 15.58
C ARG L 188 -3.12 24.39 14.80
N GLU L 189 -2.03 24.63 14.06
CA GLU L 189 -1.33 23.53 13.37
C GLU L 189 -0.92 22.48 14.40
N GLU L 190 -0.34 22.92 15.53
CA GLU L 190 0.00 21.97 16.61
C GLU L 190 -1.24 21.16 17.04
N ARG L 191 -2.38 21.85 17.20
CA ARG L 191 -3.64 21.20 17.55
C ARG L 191 -3.94 20.13 16.50
N PHE L 192 -3.80 20.46 15.21
CA PHE L 192 -4.00 19.51 14.12
C PHE L 192 -3.13 18.28 14.35
N ARG L 193 -1.85 18.44 14.72
CA ARG L 193 -0.97 17.29 15.00
C ARG L 193 -1.61 16.43 16.08
N GLN L 194 -2.05 17.08 17.16
CA GLN L 194 -2.74 16.36 18.24
C GLN L 194 -3.95 15.57 17.70
N THR L 195 -4.75 16.20 16.83
CA THR L 195 -5.91 15.60 16.21
C THR L 195 -5.51 14.35 15.43
N SER L 196 -4.37 14.42 14.71
CA SER L 196 -3.84 13.29 13.96
C SER L 196 -3.52 12.15 14.93
N GLU L 197 -2.98 12.47 16.11
CA GLU L 197 -2.73 11.43 17.10
C GLU L 197 -3.99 10.98 17.88
N SER L 198 -5.10 11.72 17.74
CA SER L 198 -6.32 11.35 18.44
C SER L 198 -6.87 10.06 17.85
N THR L 199 -6.61 9.86 16.57
CA THR L 199 -7.08 8.68 15.85
C THR L 199 -6.50 7.43 16.50
N ASN L 200 -5.22 7.48 16.85
CA ASN L 200 -4.53 6.37 17.52
C ASN L 200 -5.21 6.09 18.85
N GLN L 201 -5.60 7.15 19.58
CA GLN L 201 -6.30 6.97 20.86
C GLN L 201 -7.62 6.22 20.60
N ARG L 202 -8.32 6.58 19.51
CA ARG L 202 -9.55 5.88 19.17
C ARG L 202 -9.23 4.41 18.91
N VAL L 203 -8.11 4.10 18.23
CA VAL L 203 -7.74 2.69 18.04
C VAL L 203 -7.51 2.01 19.39
N LEU L 204 -6.91 2.71 20.36
CA LEU L 204 -6.73 2.13 21.69
C LEU L 204 -8.10 1.80 22.27
N TRP L 205 -9.09 2.69 22.10
CA TRP L 205 -10.43 2.42 22.59
C TRP L 205 -10.96 1.15 21.91
N TRP L 206 -10.74 0.99 20.59
CA TRP L 206 -11.22 -0.23 19.92
C TRP L 206 -10.56 -1.47 20.53
N SER L 207 -9.26 -1.37 20.84
CA SER L 207 -8.55 -2.49 21.43
C SER L 207 -9.22 -2.84 22.77
N ILE L 208 -9.56 -1.83 23.57
CA ILE L 208 -10.19 -2.08 24.86
C ILE L 208 -11.53 -2.80 24.63
N LEU L 209 -12.28 -2.36 23.62
CA LEU L 209 -13.57 -3.00 23.34
C LEU L 209 -13.36 -4.46 23.00
N GLN L 210 -12.34 -4.77 22.20
CA GLN L 210 -12.04 -6.13 21.85
C GLN L 210 -11.63 -6.96 23.06
N THR L 211 -10.91 -6.35 23.99
CA THR L 211 -10.37 -7.09 25.13
C THR L 211 -11.12 -7.12 26.45
N LEU L 212 -12.30 -6.51 26.56
CA LEU L 212 -12.96 -6.61 27.85
C LEU L 212 -14.35 -7.16 27.64
N ILE L 213 -15.11 -6.57 26.70
CA ILE L 213 -16.47 -7.08 26.48
C ILE L 213 -16.48 -8.56 26.08
N LEU L 214 -15.54 -8.96 25.22
CA LEU L 214 -15.45 -10.35 24.79
C LEU L 214 -15.22 -11.23 26.01
N VAL L 215 -14.30 -10.81 26.88
CA VAL L 215 -13.97 -11.53 28.10
C VAL L 215 -15.24 -11.72 28.92
N ALA L 216 -16.00 -10.62 29.08
CA ALA L 216 -17.24 -10.65 29.84
C ALA L 216 -18.13 -11.73 29.26
N ILE L 217 -18.32 -11.70 27.93
CA ILE L 217 -19.13 -12.68 27.23
C ILE L 217 -18.68 -14.08 27.60
N GLY L 218 -17.37 -14.35 27.51
CA GLY L 218 -16.82 -15.65 27.84
C GLY L 218 -17.25 -16.10 29.21
N VAL L 219 -17.04 -15.21 30.19
CA VAL L 219 -17.39 -15.52 31.58
C VAL L 219 -18.87 -15.88 31.69
N TRP L 220 -19.68 -15.03 31.06
CA TRP L 220 -21.12 -15.16 31.02
C TRP L 220 -21.45 -16.55 30.55
N GLN L 221 -20.88 -16.93 29.40
CA GLN L 221 -21.07 -18.22 28.77
C GLN L 221 -20.82 -19.31 29.77
N MET L 222 -19.65 -19.24 30.42
CA MET L 222 -19.26 -20.26 31.41
C MET L 222 -20.36 -20.44 32.45
N ARG L 223 -20.76 -19.32 33.06
CA ARG L 223 -21.79 -19.37 34.09
C ARG L 223 -23.06 -20.02 33.58
N HIS L 224 -23.52 -19.59 32.40
CA HIS L 224 -24.76 -20.19 31.97
C HIS L 224 -24.68 -21.66 31.50
N LEU L 225 -23.47 -22.07 31.11
CA LEU L 225 -23.22 -23.45 30.73
C LEU L 225 -23.38 -24.24 32.01
N LYS L 226 -22.83 -23.72 33.12
CA LYS L 226 -23.01 -24.37 34.42
C LYS L 226 -24.52 -24.50 34.71
N SER L 227 -25.30 -23.43 34.45
CA SER L 227 -26.76 -23.52 34.64
C SER L 227 -27.32 -24.71 33.84
N PHE L 228 -26.91 -24.85 32.57
CA PHE L 228 -27.34 -25.99 31.77
C PHE L 228 -27.00 -27.29 32.42
N PHE L 229 -25.78 -27.41 32.96
CA PHE L 229 -25.36 -28.63 33.65
C PHE L 229 -26.37 -28.94 34.75
N GLU L 230 -26.70 -27.93 35.58
CA GLU L 230 -27.71 -28.12 36.63
C GLU L 230 -29.01 -28.67 36.02
N ALA L 231 -29.47 -28.04 34.93
CA ALA L 231 -30.69 -28.49 34.25
C ALA L 231 -30.59 -29.97 33.87
N LYS L 232 -29.44 -30.38 33.31
CA LYS L 232 -29.20 -31.75 32.90
C LYS L 232 -29.35 -32.66 34.11
N LYS L 233 -28.76 -32.26 35.24
CA LYS L 233 -28.88 -33.01 36.47
C LYS L 233 -30.35 -33.19 36.86
N LEU L 234 -31.15 -32.13 36.72
CA LEU L 234 -32.58 -32.23 37.00
C LEU L 234 -33.26 -33.22 36.05
N VAL L 235 -32.84 -33.23 34.79
CA VAL L 235 -33.41 -34.12 33.78
C VAL L 235 -32.70 -35.47 33.75
C24 9ED M . -18.52 -24.35 12.96
C26 9ED M . -16.38 -25.39 13.57
C28 9ED M . -16.84 -22.84 13.73
P01 9ED M . -13.28 -24.49 14.46
P02 9ED M . -19.42 -27.19 11.68
O04 9ED M . -14.86 -24.02 14.83
O05 9ED M . -18.15 -26.79 12.68
O06 9ED M . -19.77 -24.50 12.31
O07 9ED M . -15.44 -25.75 12.61
O08 9ED M . -18.84 -22.02 12.35
O09 9ED M . -17.53 -22.85 14.96
O10 9ED M . -12.27 -24.39 15.79
O11 9ED M . -12.74 -23.52 13.43
O12 9ED M . -20.66 -27.37 12.51
O13 9ED M . -19.64 -26.08 10.69
O16 9ED M . -13.27 -25.90 13.92
O17 9ED M . -19.10 -28.48 10.96
O19 9ED M . -9.05 -22.71 16.01
O20 9ED M . -8.24 -25.30 15.87
O21 9ED M . -7.46 -23.15 17.57
O22 9ED M . -7.86 -25.86 13.70
C23 9ED M . -17.53 -25.53 12.55
C25 9ED M . -15.77 -24.00 13.75
C27 9ED M . -17.87 -23.01 12.56
C29 9ED M . -11.39 -23.27 15.88
C30 9ED M . -9.99 -23.72 16.31
C31 9ED M . -9.60 -25.00 15.55
C32 9ED M . -8.19 -22.34 17.09
C33 9ED M . -8.21 -20.88 17.63
C34 9ED M . -7.00 -20.47 18.53
C35 9ED M . -7.41 -25.49 14.73
C36 9ED M . -6.80 -19.34 19.57
C37 9ED M . -5.87 -25.21 14.84
C38 9ED M . -5.32 -18.92 19.79
C39 9ED M . -5.02 -26.32 14.15
C40 9ED M . -4.06 -25.74 13.06
C41 9ED M . -5.17 -18.33 21.21
C42 9ED M . -2.59 -26.18 13.29
C43 9ED M . -4.68 -17.14 21.63
C44 9ED M . -1.59 -25.05 12.90
C45 9ED M . -1.45 -24.89 11.36
C46 9ED M . -4.16 -16.06 20.65
C47 9ED M . -4.57 -10.68 22.69
C48 9ED M . -4.91 -9.40 23.56
C49 9ED M . 0.69 -19.29 7.13
C50 9ED M . -0.21 -18.02 7.15
C51 9ED M . -1.20 -23.41 10.96
C52 9ED M . -3.79 -11.79 23.11
C53 9ED M . 0.68 -20.03 8.50
C54 9ED M . -4.04 -8.20 23.11
C56 9ED M . -4.19 -12.20 21.65
C57 9ED M . 0.98 -21.55 8.36
C58 9ED M . -4.83 -6.86 23.11
C60 9ED M . -4.72 -14.66 21.06
C61 9ED M . -3.61 -13.62 21.34
C62 9ED M . 0.06 -23.26 10.06
C63 9ED M . -0.23 -22.43 8.77
C1 9ED M . -4.41 -5.91 21.97
C2 9ED M . -2.96 -5.41 22.12
C3 9ED M . 0.64 -16.71 7.12
C4 9ED M . -0.02 -15.58 7.94
C24 9ED N . -1.77 -35.08 -4.63
C26 9ED N . -0.26 -36.19 -3.06
C28 9ED N . 0.07 -33.77 -3.90
P01 9ED N . 2.70 -35.65 -1.55
P02 9ED N . -3.19 -37.95 -5.12
O04 9ED N . 1.30 -34.75 -1.89
O05 9ED N . -2.11 -37.44 -3.96
O06 9ED N . -2.81 -35.22 -5.57
O07 9ED N . 0.73 -37.08 -3.48
O08 9ED N . -1.21 -33.19 -6.05
O09 9ED N . -0.85 -33.13 -3.04
O10 9ED N . 3.36 -35.21 -0.07
O11 9ED N . 3.72 -35.30 -2.61
O12 9ED N . -4.58 -37.53 -4.73
O13 9ED N . -2.83 -37.32 -6.45
O16 9ED N . 2.39 -37.13 -1.57
O17 9ED N . -3.13 -39.46 -5.23
O19 9ED N . 6.81 -34.26 0.61
O20 9ED N . 6.79 -36.81 1.59
O21 9ED N . 7.80 -34.35 2.65
O22 9ED N . 7.45 -38.25 -0.02
C23 9ED N . -1.14 -36.49 -4.28
C25 9ED N . 0.70 -34.99 -3.17
C27 9ED N . -0.66 -34.18 -5.21
C29 9ED N . 4.50 -34.36 -0.08
C30 9ED N . 5.56 -34.88 0.90
C31 9ED N . 5.70 -36.39 0.77
C32 9ED N . 7.48 -33.68 1.73
C33 9ED N . 7.79 -32.15 1.71
C34 9ED N . 8.83 -31.67 2.77
C35 9ED N . 7.76 -37.60 0.92
C36 9ED N . 9.13 -30.27 3.39
C37 9ED N . 9.24 -37.61 1.41
C38 9ED N . 10.58 -30.10 3.92
C39 9ED N . 9.84 -39.04 1.46
C40 9ED N . 11.14 -39.17 0.61
C41 9ED N . 10.58 -29.04 5.05
C42 9ED N . 12.33 -39.76 1.42
C43 9ED N . 11.30 -27.90 5.18
C44 9ED N . 13.69 -39.10 1.05
C45 9ED N . 14.21 -39.61 -0.33
C46 9ED N . 12.35 -27.43 4.13
C47 9ED N . 13.15 -21.72 4.03
C48 9ED N . 13.04 -20.17 4.27
C49 9ED N . 18.85 -36.75 -5.22
C50 9ED N . 18.41 -35.42 -5.93
C51 9ED N . 14.98 -38.50 -1.11
C52 9ED N . 13.44 -22.71 5.02
C53 9ED N . 18.31 -36.85 -3.77
C54 9ED N . 14.32 -19.44 3.76
C56 9ED N . 13.28 -23.57 3.73
C57 9ED N . 18.16 -38.33 -3.31
C58 9ED N . 13.99 -18.09 3.06
C60 9ED N . 12.16 -25.91 3.85
C61 9ED N . 13.44 -25.08 4.11
C62 9ED N . 16.40 -38.97 -1.53
C63 9ED N . 16.67 -38.71 -3.04
C3 9ED N . 19.61 -34.44 -6.11
C4 9ED N . 19.17 -32.96 -5.97
C5 9ED N . 20.07 -32.17 -4.99
C6 9ED N . 21.30 -31.56 -5.69
#